data_7D3M
#
_entry.id   7D3M
#
_cell.length_a   1.00
_cell.length_b   1.00
_cell.length_c   1.00
_cell.angle_alpha   90.00
_cell.angle_beta   90.00
_cell.angle_gamma   90.00
#
_symmetry.space_group_name_H-M   'P 1'
#
loop_
_entity.id
_entity.type
_entity.pdbx_description
1 polymer 'O/TIBET/99 VP1'
2 polymer 'O/TIBET/99 VP2'
3 polymer 'O/TIBET/99 VP3'
4 polymer 'O/TIBET/99 VP4'
5 polymer 'R50 VH'
6 polymer 'R50 VL'
#
loop_
_entity_poly.entity_id
_entity_poly.type
_entity_poly.pdbx_seq_one_letter_code
_entity_poly.pdbx_strand_id
1 'polypeptide(L)'
;TTSTGESADPVTATVENYGGETQVQRRQHTDVSFILDRFVKVTPKDQINVLDLMQTPAHTLVGALLRTATYYFADLEVAV
KHEGNLTWVPNGAPETALDNTTNPTAYHKAPLTRLALPYTAPHRVLATVYNGNCKYGESPVTNARGDLQVLAQKAARALP
TSFNYGAIKATRVTELLYRMKRAETYCPRPLLAIHPSEARHKQKIVAPVKQLL
;
1
2 'polypeptide(L)'
;DKKTEETTLLEDRILTTRNGHTTSTTQSSVGVTYGYATAEDFVSGPNTSGLETRVVQAERFFKTHLFDWVTSDPFGRCYQ
LELPTDHKGVYGSLTDSYAYMRNGWDVEVTAVGNQFNGGCLLVAMVPELCSIDKRGLYQLTLFPHQFINPRTNMTAHITV
PFVGVNRYDQYKVHKPWTLVVMVVAPLTVNTEGAPQIKVYANIAPTNVHVAGEFPSKE
;
2
3 'polypeptide(L)'
;GIFPVACSDGYGGLVTTDPKTADPAYGKVFNPPRNMLPGRFTNFLDVAEACPTFLHFEGDVPYVTTKTDSDRVLAQFDLS
LAAKHMSNTFLAGLAQYYTQYSGTINLHFMFTGPTDAKARYMIAYAPPGMEPPKTPEAAAHCIHAEWDTGLNSKFTFSIP
YLSAADYAYTASDAAETTNVQGWVCLFQITHGKADGDALVVLASAGKDFELRLPVDARTQ
;
3
4 'polypeptide(L)'
;GAGQSSPATGSQNQSGNTGSIINNYYMQQYQNSMDTQLGDNAISGGSNEGSTDTTSTHTTNTQNNDWFSKLASSAFSGLF
GALLA
;
4
5 'polypeptide(L)'
;QVQLRESGPSLVKPSQTLSLTCTASGLSLSDKAVGWVRRAPTKALEWLGSIDTGSSTGYNPGLKSRLSITKDNSRNQVSL
TITSVTTEDSATYYCATVHQHTSEKRTCPRAYRPDCAARWDCPGGADCGYCNFGAGSYGRCTPFTLTYTFENYVHTWGQG
LLVTVSS
;
H
6 'polypeptide(L)'
;WAQAVLTQPSSVSGSLGQRVSITCSGSSSNVGNGYVSWYQLIPGSAPRTLIYGDTNRASGVPDRFSGSRAGNTATLSISS
LQAEDEAEYFCASPEDSSSNANFGSGTTLTVLGDYKDDDDKGG
;
L
#
# COMPACT_ATOMS: atom_id res chain seq x y z
N THR A 2 -22.54 44.02 -20.06
CA THR A 2 -21.41 43.26 -20.67
C THR A 2 -21.48 41.80 -20.22
N SER A 3 -20.44 41.01 -20.55
CA SER A 3 -20.36 39.57 -20.16
C SER A 3 -21.57 38.79 -20.69
N THR A 4 -22.20 38.01 -19.78
CA THR A 4 -23.40 37.13 -19.97
C THR A 4 -22.99 35.78 -20.59
N GLY A 5 -21.69 35.56 -20.80
CA GLY A 5 -21.21 34.28 -21.36
C GLY A 5 -21.49 33.09 -20.45
N GLU A 6 -21.34 33.29 -19.13
CA GLU A 6 -21.60 32.25 -18.10
C GLU A 6 -20.90 30.94 -18.51
N SER A 7 -19.91 31.04 -19.40
CA SER A 7 -19.15 29.88 -19.89
C SER A 7 -17.90 29.66 -19.04
N ALA A 8 -17.74 30.47 -17.98
CA ALA A 8 -16.58 30.41 -17.06
C ALA A 8 -15.27 30.63 -17.84
N ASP A 9 -15.31 31.59 -18.77
CA ASP A 9 -14.12 31.96 -19.60
C ASP A 9 -13.74 33.39 -19.21
N PRO A 10 -12.48 33.68 -18.82
CA PRO A 10 -12.19 34.82 -17.98
C PRO A 10 -12.54 36.12 -18.71
N VAL A 11 -13.28 37.02 -18.03
CA VAL A 11 -13.68 38.33 -18.60
C VAL A 11 -13.27 39.41 -17.59
N THR A 12 -12.59 40.46 -18.05
CA THR A 12 -12.10 41.53 -17.13
C THR A 12 -12.10 42.89 -17.84
N ALA A 13 -12.82 43.87 -17.30
CA ALA A 13 -12.88 45.23 -17.86
C ALA A 13 -11.49 45.90 -17.76
N THR A 14 -10.85 45.80 -16.59
CA THR A 14 -9.52 46.42 -16.33
C THR A 14 -9.60 47.96 -16.39
N VAL A 15 -10.67 48.53 -15.82
CA VAL A 15 -10.85 50.01 -15.70
C VAL A 15 -10.61 50.69 -17.06
N GLU A 16 -10.99 50.06 -18.17
CA GLU A 16 -10.74 50.72 -19.49
C GLU A 16 -12.16 51.27 -19.67
N ASN A 17 -13.14 50.47 -19.26
CA ASN A 17 -14.61 50.70 -19.34
C ASN A 17 -14.48 52.08 -18.67
N TYR A 18 -15.23 53.08 -19.08
CA TYR A 18 -14.94 54.38 -18.47
C TYR A 18 -13.76 55.34 -18.38
N GLY A 19 -13.10 55.54 -19.50
CA GLY A 19 -12.14 56.61 -19.73
C GLY A 19 -10.95 56.59 -18.80
N GLY A 20 -10.48 55.40 -18.43
CA GLY A 20 -9.34 55.32 -17.54
C GLY A 20 -8.20 54.48 -18.10
N GLU A 21 -7.01 55.07 -18.15
CA GLU A 21 -5.86 54.32 -18.64
C GLU A 21 -5.43 53.30 -17.59
N THR A 22 -4.65 52.32 -18.04
CA THR A 22 -4.23 51.21 -17.19
C THR A 22 -2.72 51.35 -16.94
N GLN A 23 -2.36 52.03 -15.84
CA GLN A 23 -0.97 52.04 -15.42
C GLN A 23 -0.45 50.61 -15.34
N VAL A 24 0.78 50.40 -15.79
CA VAL A 24 1.28 49.06 -16.05
C VAL A 24 1.33 48.25 -14.75
N GLN A 25 1.12 46.94 -14.88
CA GLN A 25 1.14 45.99 -13.76
C GLN A 25 2.28 45.01 -14.02
N ARG A 26 3.40 45.19 -13.32
CA ARG A 26 4.57 44.33 -13.49
C ARG A 26 4.59 43.31 -12.35
N ARG A 27 3.95 42.17 -12.60
CA ARG A 27 3.79 41.14 -11.58
C ARG A 27 5.11 40.44 -11.34
N GLN A 28 5.73 40.72 -10.21
CA GLN A 28 6.84 39.94 -9.70
C GLN A 28 6.62 39.77 -8.21
N HIS A 29 7.38 38.87 -7.60
CA HIS A 29 7.07 38.31 -6.30
C HIS A 29 5.78 37.50 -6.35
N THR A 30 5.36 37.11 -7.54
CA THR A 30 4.26 36.18 -7.69
C THR A 30 4.52 35.07 -8.70
N ASP A 31 5.78 34.83 -9.07
CA ASP A 31 6.11 33.64 -9.82
C ASP A 31 6.32 32.46 -8.87
N VAL A 32 5.70 31.33 -9.19
CA VAL A 32 5.93 30.14 -8.41
C VAL A 32 7.37 29.66 -8.53
N SER A 33 8.09 30.10 -9.55
CA SER A 33 9.53 29.86 -9.56
C SER A 33 10.26 30.73 -8.56
N PHE A 34 9.63 31.81 -8.10
CA PHE A 34 10.30 32.75 -7.21
C PHE A 34 9.74 33.11 -5.84
N ILE A 35 8.48 32.77 -5.55
CA ILE A 35 7.87 33.20 -4.30
C ILE A 35 7.96 31.90 -3.51
N LEU A 36 8.29 30.79 -4.16
CA LEU A 36 8.35 29.49 -3.52
C LEU A 36 9.78 29.08 -3.20
N ASP A 37 10.64 30.07 -2.93
CA ASP A 37 12.07 29.77 -2.64
C ASP A 37 12.50 30.41 -1.32
N ARG A 38 11.74 30.15 -0.24
CA ARG A 38 12.08 30.75 1.08
C ARG A 38 12.28 29.64 2.11
N PHE A 39 13.39 29.66 2.84
CA PHE A 39 13.64 28.63 3.89
C PHE A 39 12.47 28.66 4.89
N VAL A 40 11.75 27.55 4.98
CA VAL A 40 10.57 27.46 5.90
C VAL A 40 10.92 26.50 7.04
N LYS A 41 11.01 27.01 8.26
CA LYS A 41 11.35 26.13 9.40
C LYS A 41 10.26 25.05 9.51
N VAL A 42 10.67 23.80 9.66
CA VAL A 42 9.71 22.66 9.77
C VAL A 42 10.07 21.85 11.01
N THR A 43 9.08 21.55 11.86
CA THR A 43 9.28 20.81 13.13
C THR A 43 10.12 19.54 12.88
N PRO A 44 11.37 19.48 13.41
CA PRO A 44 12.20 18.28 13.25
C PRO A 44 11.65 17.16 14.14
N LYS A 45 11.85 15.91 13.72
CA LYS A 45 11.36 14.71 14.47
C LYS A 45 12.56 13.93 15.03
N ASP A 46 13.43 14.60 15.77
CA ASP A 46 14.63 13.99 16.40
C ASP A 46 15.58 13.36 15.38
N GLN A 47 16.02 12.12 15.65
CA GLN A 47 17.04 11.40 14.85
C GLN A 47 16.60 11.11 13.40
N ILE A 48 15.44 10.48 13.20
CA ILE A 48 15.05 10.11 11.82
C ILE A 48 13.71 10.74 11.45
N ASN A 49 13.73 11.82 10.67
CA ASN A 49 12.50 12.49 10.21
C ASN A 49 12.46 12.34 8.69
N VAL A 50 11.39 11.76 8.13
CA VAL A 50 11.36 11.60 6.65
C VAL A 50 11.41 13.01 6.07
N LEU A 51 12.27 13.24 5.07
CA LEU A 51 12.36 14.59 4.46
C LEU A 51 11.45 14.59 3.24
N ASP A 52 10.38 15.39 3.28
CA ASP A 52 9.43 15.42 2.15
C ASP A 52 8.59 16.70 2.22
N LEU A 53 7.96 17.04 1.10
CA LEU A 53 7.10 18.20 0.98
C LEU A 53 5.75 17.94 1.66
N MET A 54 5.16 19.01 2.18
CA MET A 54 3.87 18.98 2.87
C MET A 54 4.00 18.50 4.30
N GLN A 55 5.24 18.42 4.79
CA GLN A 55 5.47 18.04 6.18
C GLN A 55 5.26 19.34 6.91
N THR A 56 5.64 20.42 6.23
CA THR A 56 5.56 21.76 6.76
C THR A 56 4.13 22.16 7.11
N PRO A 57 4.01 22.97 8.22
CA PRO A 57 2.62 23.33 8.55
C PRO A 57 2.01 24.16 7.44
N ALA A 58 0.69 24.09 7.31
CA ALA A 58 -0.05 24.79 6.27
C ALA A 58 0.08 26.31 6.34
N HIS A 59 0.12 26.85 7.55
CA HIS A 59 0.20 28.31 7.72
C HIS A 59 1.43 29.00 7.13
N THR A 60 2.62 28.41 7.23
CA THR A 60 3.78 29.09 6.70
C THR A 60 3.53 29.48 5.25
N LEU A 61 4.28 30.47 4.76
CA LEU A 61 4.11 30.96 3.40
C LEU A 61 4.18 29.82 2.40
N VAL A 62 5.27 29.07 2.40
CA VAL A 62 5.34 27.91 1.51
C VAL A 62 4.28 26.89 1.88
N GLY A 63 4.18 26.57 3.17
CA GLY A 63 3.26 25.53 3.62
C GLY A 63 1.82 25.75 3.23
N ALA A 64 1.47 26.96 2.79
CA ALA A 64 0.14 27.25 2.31
C ALA A 64 0.08 27.58 0.83
N LEU A 65 1.08 28.28 0.29
CA LEU A 65 1.07 28.60 -1.12
C LEU A 65 1.62 27.46 -1.95
N LEU A 66 1.84 26.32 -1.33
CA LEU A 66 2.10 25.10 -2.07
C LEU A 66 0.89 24.19 -2.16
N ARG A 67 0.07 24.12 -1.10
CA ARG A 67 -1.20 23.42 -1.20
C ARG A 67 -2.11 24.04 -2.24
N THR A 68 -1.79 25.25 -2.72
CA THR A 68 -2.56 25.84 -3.80
C THR A 68 -2.43 25.04 -5.07
N ALA A 69 -1.42 24.19 -5.18
CA ALA A 69 -1.13 23.45 -6.39
C ALA A 69 -1.10 21.97 -6.09
N THR A 70 -1.82 21.19 -6.88
CA THR A 70 -1.82 19.75 -6.65
C THR A 70 -0.44 19.17 -6.85
N TYR A 71 0.15 19.40 -8.01
CA TYR A 71 1.37 18.73 -8.44
C TYR A 71 2.49 19.74 -8.57
N TYR A 72 3.59 19.50 -7.87
CA TYR A 72 4.78 20.32 -8.01
C TYR A 72 5.99 19.47 -8.36
N PHE A 73 6.99 20.11 -8.94
CA PHE A 73 8.23 19.46 -9.34
C PHE A 73 9.48 19.94 -8.62
N ALA A 74 9.33 20.31 -7.36
CA ALA A 74 10.36 21.04 -6.64
C ALA A 74 11.65 20.25 -6.53
N ASP A 75 12.73 20.85 -6.99
CA ASP A 75 14.07 20.31 -6.79
C ASP A 75 14.54 20.81 -5.43
N LEU A 76 14.24 20.05 -4.38
CA LEU A 76 14.40 20.51 -3.02
C LEU A 76 15.88 20.61 -2.65
N GLU A 77 16.18 21.53 -1.73
CA GLU A 77 17.53 21.64 -1.17
C GLU A 77 17.41 21.95 0.32
N VAL A 78 17.76 20.95 1.14
CA VAL A 78 17.56 21.02 2.58
C VAL A 78 18.66 21.86 3.20
N ALA A 79 18.49 22.26 4.45
CA ALA A 79 19.52 22.94 5.21
C ALA A 79 19.09 22.42 6.57
N VAL A 80 20.05 21.96 7.37
CA VAL A 80 19.77 21.19 8.57
C VAL A 80 20.68 21.87 9.58
N LYS A 81 20.42 21.61 10.86
CA LYS A 81 21.29 22.02 11.96
C LYS A 81 21.35 20.86 12.95
N HIS A 82 22.33 19.98 12.76
CA HIS A 82 22.38 18.70 13.43
C HIS A 82 23.58 18.63 14.36
N GLU A 83 23.47 17.75 15.35
CA GLU A 83 24.58 17.38 16.20
C GLU A 83 25.59 16.28 16.01
N GLY A 84 25.35 15.41 15.03
CA GLY A 84 26.34 14.42 14.59
C GLY A 84 26.21 14.47 13.10
N ASN A 85 27.00 13.61 12.46
CA ASN A 85 27.06 13.61 11.00
C ASN A 85 25.77 13.05 10.40
N LEU A 86 24.94 13.92 9.85
CA LEU A 86 23.69 13.49 9.23
C LEU A 86 23.98 12.73 7.94
N THR A 87 23.15 11.74 7.66
CA THR A 87 23.32 10.88 6.49
C THR A 87 22.04 10.92 5.68
N TRP A 88 22.02 11.68 4.61
CA TRP A 88 20.91 11.64 3.69
C TRP A 88 20.80 10.24 3.10
N VAL A 89 19.74 10.01 2.33
CA VAL A 89 19.58 8.72 1.67
C VAL A 89 18.54 8.92 0.58
N PRO A 90 18.67 8.29 -0.57
CA PRO A 90 17.71 8.53 -1.65
C PRO A 90 16.40 7.80 -1.38
N ASN A 91 15.45 8.01 -2.28
CA ASN A 91 14.15 7.39 -2.15
C ASN A 91 14.25 5.88 -2.33
N GLY A 92 13.44 5.11 -1.60
CA GLY A 92 13.42 3.64 -1.76
C GLY A 92 14.45 2.98 -0.89
N ALA A 93 15.31 3.77 -0.26
CA ALA A 93 16.35 3.21 0.63
C ALA A 93 15.65 2.51 1.79
N PRO A 94 16.13 1.34 2.25
CA PRO A 94 15.52 0.62 3.37
C PRO A 94 15.71 1.38 4.69
N GLU A 95 14.86 1.12 5.68
CA GLU A 95 14.92 1.85 6.96
C GLU A 95 16.31 1.70 7.60
N THR A 96 16.90 0.50 7.52
CA THR A 96 18.28 0.27 8.05
C THR A 96 19.30 0.83 7.05
N ALA A 97 18.81 1.48 5.98
CA ALA A 97 19.66 2.07 4.91
C ALA A 97 20.54 3.17 5.50
N LEU A 98 20.00 3.95 6.44
CA LEU A 98 20.72 5.09 7.08
C LEU A 98 21.84 4.58 8.01
N ASP A 99 22.85 5.44 8.21
CA ASP A 99 24.08 5.28 9.05
C ASP A 99 25.19 4.56 8.28
N ASN A 100 24.91 4.14 7.04
CA ASN A 100 25.92 3.46 6.19
C ASN A 100 27.08 4.41 5.85
N THR A 101 26.76 5.70 5.68
CA THR A 101 27.72 6.80 5.34
C THR A 101 28.15 6.68 3.86
N THR A 102 27.94 5.51 3.27
CA THR A 102 28.25 5.28 1.83
C THR A 102 27.27 6.15 1.03
N ASN A 103 26.21 6.57 1.71
CA ASN A 103 25.19 7.47 1.21
C ASN A 103 25.69 8.89 1.37
N PRO A 104 25.06 9.85 0.74
CA PRO A 104 25.51 11.23 0.93
C PRO A 104 25.34 11.68 2.37
N THR A 105 26.45 11.89 3.08
CA THR A 105 26.44 12.41 4.43
C THR A 105 27.17 13.73 4.45
N ALA A 106 27.13 14.41 5.59
CA ALA A 106 27.88 15.65 5.79
C ALA A 106 28.30 15.72 7.24
N TYR A 107 29.61 15.75 7.48
CA TYR A 107 30.09 15.90 8.84
C TYR A 107 29.77 17.29 9.34
N HIS A 108 30.00 17.51 10.63
CA HIS A 108 29.62 18.78 11.22
C HIS A 108 30.51 19.99 10.97
N LYS A 109 29.89 20.99 10.35
CA LYS A 109 30.54 22.26 10.05
C LYS A 109 29.54 23.29 10.55
N ALA A 110 29.95 24.13 11.49
CA ALA A 110 29.07 25.15 12.04
C ALA A 110 28.93 26.35 11.09
N PRO A 111 27.83 27.20 11.22
CA PRO A 111 26.80 26.84 12.21
C PRO A 111 25.97 25.61 11.81
N LEU A 112 25.59 25.56 10.54
CA LEU A 112 24.75 24.49 10.00
C LEU A 112 25.20 24.04 8.61
N THR A 113 24.78 22.84 8.22
CA THR A 113 25.17 22.29 6.92
C THR A 113 24.04 22.25 5.89
N ARG A 114 24.33 22.78 4.70
CA ARG A 114 23.41 22.82 3.59
C ARG A 114 23.66 21.80 2.48
N LEU A 115 22.59 21.42 1.80
CA LEU A 115 22.68 20.39 0.78
C LEU A 115 21.75 20.75 -0.37
N ALA A 116 22.01 20.15 -1.52
CA ALA A 116 21.03 20.07 -2.58
C ALA A 116 20.55 18.63 -2.66
N LEU A 117 19.29 18.47 -3.03
CA LEU A 117 18.68 17.13 -3.10
C LEU A 117 18.03 17.00 -4.47
N PRO A 118 18.65 16.29 -5.39
CA PRO A 118 18.00 16.04 -6.68
C PRO A 118 16.65 15.38 -6.48
N TYR A 119 15.78 15.60 -7.45
CA TYR A 119 14.40 15.11 -7.41
C TYR A 119 14.40 13.62 -7.66
N THR A 120 14.45 12.84 -6.59
CA THR A 120 14.58 11.39 -6.73
C THR A 120 13.27 10.66 -6.92
N ALA A 121 12.21 11.11 -6.24
CA ALA A 121 10.96 10.37 -6.22
C ALA A 121 10.53 9.99 -7.64
N PRO A 122 10.22 8.72 -7.88
CA PRO A 122 9.96 8.22 -9.24
C PRO A 122 8.53 8.45 -9.70
N HIS A 123 8.27 9.68 -10.15
CA HIS A 123 7.00 10.02 -10.77
C HIS A 123 7.26 11.11 -11.78
N ARG A 124 6.30 11.34 -12.66
CA ARG A 124 6.33 12.56 -13.45
C ARG A 124 6.46 13.77 -12.53
N VAL A 125 5.45 13.97 -11.70
CA VAL A 125 5.44 15.05 -10.72
C VAL A 125 4.75 14.55 -9.46
N LEU A 126 5.18 15.04 -8.31
CA LEU A 126 4.59 14.62 -7.05
C LEU A 126 3.22 15.27 -6.89
N ALA A 127 2.38 14.71 -6.05
CA ALA A 127 1.04 15.26 -5.83
C ALA A 127 0.78 15.62 -4.37
N THR A 128 0.29 16.83 -4.15
CA THR A 128 -0.01 17.30 -2.79
C THR A 128 -1.10 16.50 -2.13
N VAL A 129 -2.16 16.17 -2.89
CA VAL A 129 -3.29 15.38 -2.33
C VAL A 129 -3.43 14.06 -3.11
N TYR A 130 -4.14 13.10 -2.53
CA TYR A 130 -4.34 11.76 -3.16
C TYR A 130 -5.80 11.34 -2.96
N ASN A 131 -6.29 10.40 -3.79
CA ASN A 131 -7.70 9.95 -3.73
C ASN A 131 -7.76 8.42 -3.79
N GLY A 132 -8.84 7.84 -3.27
CA GLY A 132 -9.05 6.37 -3.28
C GLY A 132 -8.36 5.68 -2.11
N ASN A 133 -7.72 6.44 -1.22
CA ASN A 133 -7.02 5.86 -0.05
C ASN A 133 -7.70 6.35 1.23
N CYS A 134 -8.06 5.41 2.13
CA CYS A 134 -8.85 5.74 3.34
C CYS A 134 -8.26 5.01 4.55
N LYS A 154 -5.22 15.21 3.99
CA LYS A 154 -4.26 15.29 5.08
C LYS A 154 -2.89 14.77 4.67
N ALA A 155 -1.84 15.48 5.08
CA ALA A 155 -0.48 15.08 4.75
C ALA A 155 -0.12 13.73 5.36
N ALA A 156 -0.59 13.50 6.60
CA ALA A 156 -0.32 12.22 7.29
C ALA A 156 -1.22 11.12 6.74
N ARG A 157 -2.04 11.44 5.72
CA ARG A 157 -2.95 10.43 5.13
C ARG A 157 -3.36 10.84 3.71
N ALA A 158 -4.04 9.93 3.00
CA ALA A 158 -4.63 10.20 1.66
C ALA A 158 -3.54 10.63 0.67
N LEU A 159 -2.39 9.96 0.74
CA LEU A 159 -1.21 10.22 -0.13
C LEU A 159 -0.24 9.07 0.13
N PRO A 160 0.44 8.32 -0.99
CA PRO A 160 1.38 7.19 -1.12
C PRO A 160 2.65 7.52 -0.37
N THR A 161 3.22 6.53 0.31
CA THR A 161 4.44 6.76 1.10
C THR A 161 5.63 7.16 0.24
N SER A 162 5.48 7.11 -1.07
CA SER A 162 6.57 7.45 -1.97
C SER A 162 6.93 8.87 -2.38
N PHE A 163 6.07 9.84 -2.11
CA PHE A 163 6.33 11.23 -2.48
C PHE A 163 7.21 11.86 -1.41
N ASN A 164 8.52 11.66 -1.54
CA ASN A 164 9.47 12.23 -0.60
C ASN A 164 10.84 12.18 -1.25
N TYR A 165 11.78 12.91 -0.66
CA TYR A 165 13.13 13.02 -1.19
C TYR A 165 14.14 12.35 -0.26
N GLY A 166 13.75 11.22 0.32
CA GLY A 166 14.66 10.48 1.17
C GLY A 166 14.35 10.64 2.64
N ALA A 167 15.38 10.49 3.45
CA ALA A 167 15.22 10.51 4.90
C ALA A 167 16.53 11.15 5.33
N ILE A 168 16.47 12.06 6.30
CA ILE A 168 17.71 12.74 6.80
C ILE A 168 18.00 12.27 8.23
N LYS A 169 18.74 11.16 8.38
CA LYS A 169 19.09 10.63 9.73
C LYS A 169 20.13 11.51 10.41
N ALA A 170 20.06 11.61 11.74
CA ALA A 170 21.03 12.41 12.53
C ALA A 170 21.00 11.93 14.00
N THR A 171 22.03 12.29 14.77
CA THR A 171 21.96 12.10 16.25
C THR A 171 20.83 12.96 16.82
N ARG A 172 20.71 14.19 16.33
CA ARG A 172 19.65 15.15 16.75
C ARG A 172 19.58 16.26 15.70
N VAL A 173 18.39 16.57 15.18
CA VAL A 173 18.27 17.54 14.11
C VAL A 173 17.50 18.59 14.91
N THR A 174 17.98 19.83 14.90
CA THR A 174 17.36 20.85 15.73
C THR A 174 16.39 21.73 14.95
N GLU A 175 16.83 22.27 13.80
CA GLU A 175 16.00 23.19 13.02
C GLU A 175 16.11 22.80 11.54
N LEU A 176 15.26 21.88 11.12
CA LEU A 176 15.25 21.43 9.74
C LEU A 176 14.65 22.49 8.81
N LEU A 177 15.13 22.57 7.58
CA LEU A 177 14.60 23.56 6.64
C LEU A 177 14.48 23.01 5.22
N TYR A 178 13.46 23.45 4.49
CA TYR A 178 13.27 23.01 3.12
C TYR A 178 13.23 24.22 2.20
N ARG A 179 14.04 24.19 1.14
CA ARG A 179 14.07 25.27 0.17
C ARG A 179 13.79 24.67 -1.19
N MET A 180 12.89 25.27 -1.96
CA MET A 180 12.57 24.73 -3.27
C MET A 180 13.10 25.57 -4.41
N LYS A 181 13.77 24.91 -5.34
CA LYS A 181 14.37 25.59 -6.49
C LYS A 181 13.81 25.12 -7.83
N ARG A 182 13.48 26.09 -8.69
CA ARG A 182 12.96 25.81 -10.02
C ARG A 182 11.71 24.94 -10.01
N ALA A 183 10.84 25.19 -9.03
CA ALA A 183 9.60 24.44 -8.92
C ALA A 183 8.51 25.09 -9.74
N GLU A 184 8.05 24.40 -10.78
CA GLU A 184 6.87 24.84 -11.53
C GLU A 184 5.71 23.96 -11.10
N THR A 185 4.68 24.58 -10.55
CA THR A 185 3.54 23.84 -10.01
C THR A 185 2.44 23.69 -11.06
N TYR A 186 1.55 22.71 -10.87
CA TYR A 186 0.47 22.45 -11.81
C TYR A 186 -0.92 22.42 -11.20
N CYS A 187 -1.92 22.85 -11.97
CA CYS A 187 -3.32 22.57 -11.67
C CYS A 187 -3.94 23.10 -10.38
N PRO A 188 -4.03 24.41 -10.18
CA PRO A 188 -4.24 25.00 -8.87
C PRO A 188 -5.45 24.53 -8.09
N ARG A 189 -5.37 24.57 -6.76
CA ARG A 189 -6.42 24.24 -5.82
C ARG A 189 -6.58 25.40 -4.84
N PRO A 190 -7.73 25.52 -4.17
CA PRO A 190 -8.05 26.77 -3.48
C PRO A 190 -7.24 26.97 -2.21
N LEU A 191 -6.87 28.23 -1.97
CA LEU A 191 -6.29 28.65 -0.71
C LEU A 191 -7.40 29.15 0.21
N LEU A 192 -7.01 29.58 1.39
CA LEU A 192 -7.96 30.12 2.35
C LEU A 192 -7.33 31.15 3.27
N ALA A 193 -8.10 32.17 3.64
CA ALA A 193 -7.65 33.15 4.61
C ALA A 193 -8.28 33.14 5.99
N ILE A 194 -7.58 33.74 6.95
CA ILE A 194 -8.06 33.72 8.33
C ILE A 194 -9.38 34.47 8.40
N HIS A 195 -10.44 33.76 8.77
CA HIS A 195 -11.77 34.34 8.80
C HIS A 195 -11.89 35.30 9.98
N PRO A 196 -12.08 36.59 9.75
CA PRO A 196 -12.21 37.54 10.86
C PRO A 196 -13.64 37.68 11.31
N SER A 197 -13.82 37.84 12.61
CA SER A 197 -15.16 38.04 13.15
C SER A 197 -15.77 39.35 12.65
N GLU A 198 -14.97 40.41 12.61
CA GLU A 198 -15.42 41.72 12.20
C GLU A 198 -14.71 42.17 10.93
N ALA A 199 -15.38 43.01 10.16
CA ALA A 199 -14.85 43.48 8.88
C ALA A 199 -13.66 44.42 9.12
N ARG A 200 -13.04 44.82 8.02
CA ARG A 200 -11.81 45.58 8.04
C ARG A 200 -10.79 45.06 9.04
N HIS A 201 -10.46 43.78 8.85
CA HIS A 201 -9.71 42.99 9.84
C HIS A 201 -8.43 43.73 10.30
N LYS A 202 -8.40 44.09 11.58
CA LYS A 202 -7.29 44.84 12.15
C LYS A 202 -6.21 43.88 12.61
N GLN A 203 -4.96 44.19 12.27
CA GLN A 203 -3.84 43.35 12.67
C GLN A 203 -2.73 44.19 13.31
N ARG B 13 -27.74 28.95 -30.92
CA ARG B 13 -26.54 28.49 -30.24
C ARG B 13 -26.70 27.07 -29.73
N ILE B 14 -27.41 26.24 -30.49
CA ILE B 14 -27.49 24.83 -30.15
C ILE B 14 -26.15 24.18 -30.43
N LEU B 15 -25.83 23.15 -29.65
CA LEU B 15 -24.53 22.50 -29.71
C LEU B 15 -24.74 21.00 -29.68
N THR B 16 -24.39 20.34 -30.77
CA THR B 16 -24.64 18.91 -30.96
C THR B 16 -23.30 18.19 -30.85
N THR B 17 -22.96 17.75 -29.65
CA THR B 17 -21.75 16.98 -29.47
C THR B 17 -21.93 15.57 -30.02
N ARG B 18 -20.85 14.81 -30.00
CA ARG B 18 -20.88 13.44 -30.49
C ARG B 18 -19.61 12.74 -30.08
N ASN B 19 -19.76 11.52 -29.56
CA ASN B 19 -18.61 10.68 -29.26
C ASN B 19 -18.95 9.26 -29.65
N GLY B 20 -18.04 8.59 -30.34
CA GLY B 20 -18.32 7.24 -30.80
C GLY B 20 -19.54 7.22 -31.68
N HIS B 21 -20.56 6.50 -31.24
CA HIS B 21 -21.82 6.37 -31.97
C HIS B 21 -22.98 6.90 -31.15
N THR B 22 -22.75 7.91 -30.32
CA THR B 22 -23.78 8.38 -29.39
C THR B 22 -23.87 9.90 -29.45
N THR B 23 -24.68 10.41 -30.36
CA THR B 23 -24.88 11.84 -30.47
C THR B 23 -25.75 12.35 -29.33
N SER B 24 -25.41 13.51 -28.81
CA SER B 24 -26.12 14.15 -27.70
C SER B 24 -26.34 15.62 -28.01
N THR B 25 -27.44 15.94 -28.66
CA THR B 25 -27.70 17.31 -29.02
C THR B 25 -28.32 18.10 -27.87
N THR B 26 -28.14 19.42 -27.90
CA THR B 26 -28.77 20.32 -26.95
C THR B 26 -29.44 21.42 -27.75
N GLN B 27 -30.51 21.98 -27.16
CA GLN B 27 -31.29 23.03 -27.82
C GLN B 27 -30.86 24.33 -27.15
N SER B 28 -30.30 24.28 -25.94
CA SER B 28 -29.95 25.49 -25.19
C SER B 28 -28.56 24.94 -24.91
N SER B 29 -27.60 25.84 -24.75
CA SER B 29 -26.22 25.45 -24.43
C SER B 29 -25.59 26.82 -24.27
N VAL B 30 -24.40 26.81 -23.67
CA VAL B 30 -23.65 28.05 -23.43
C VAL B 30 -22.34 28.03 -24.19
N GLY B 31 -21.88 26.84 -24.54
CA GLY B 31 -20.60 26.69 -25.21
C GLY B 31 -19.69 25.80 -24.40
N VAL B 32 -18.82 25.07 -25.09
CA VAL B 32 -17.90 24.16 -24.44
C VAL B 32 -16.86 24.95 -23.66
N THR B 33 -16.53 24.48 -22.47
CA THR B 33 -15.37 24.95 -21.74
C THR B 33 -14.30 23.88 -21.76
N TYR B 34 -13.10 24.25 -21.33
CA TYR B 34 -11.98 23.34 -21.33
C TYR B 34 -11.25 23.42 -20.00
N GLY B 35 -10.48 22.39 -19.71
CA GLY B 35 -9.81 22.34 -18.44
C GLY B 35 -8.35 21.98 -18.53
N TYR B 36 -7.48 22.87 -18.08
CA TYR B 36 -6.07 22.60 -17.83
C TYR B 36 -5.28 22.33 -19.09
N ALA B 37 -5.92 22.17 -20.23
CA ALA B 37 -5.30 21.74 -21.48
C ALA B 37 -6.39 21.59 -22.52
N THR B 38 -6.02 21.69 -23.78
CA THR B 38 -6.96 21.50 -24.86
C THR B 38 -6.76 20.18 -25.57
N ALA B 39 -5.52 19.83 -25.87
CA ALA B 39 -5.19 18.55 -26.48
C ALA B 39 -4.42 17.70 -25.48
N GLU B 40 -4.82 16.45 -25.33
CA GLU B 40 -4.19 15.56 -24.36
C GLU B 40 -2.72 15.38 -24.69
N ASP B 41 -1.92 15.15 -23.64
CA ASP B 41 -0.49 15.10 -23.75
C ASP B 41 -0.06 13.76 -24.39
N PHE B 42 1.24 13.59 -24.59
CA PHE B 42 1.76 12.37 -25.12
C PHE B 42 1.28 11.12 -24.39
N VAL B 43 1.26 10.00 -25.09
CA VAL B 43 0.61 8.81 -24.56
C VAL B 43 1.56 7.68 -24.24
N SER B 44 2.73 7.59 -24.88
CA SER B 44 3.66 6.50 -24.65
C SER B 44 5.03 7.08 -24.34
N GLY B 45 5.58 6.67 -23.19
CA GLY B 45 6.93 7.05 -22.75
C GLY B 45 7.65 5.82 -22.25
N PRO B 46 8.37 5.86 -21.10
CA PRO B 46 9.02 4.66 -20.56
C PRO B 46 8.05 3.89 -19.66
N ASN B 47 6.87 4.49 -19.39
CA ASN B 47 5.84 3.90 -18.50
C ASN B 47 5.32 2.57 -19.07
N THR B 48 5.06 2.52 -20.38
CA THR B 48 4.56 1.29 -21.05
C THR B 48 5.35 1.14 -22.35
N SER B 49 5.82 -0.07 -22.67
CA SER B 49 6.66 -0.17 -23.89
C SER B 49 5.76 -0.32 -25.12
N GLY B 50 5.11 0.78 -25.52
CA GLY B 50 4.19 0.75 -26.68
C GLY B 50 3.16 -0.35 -26.51
N LEU B 51 3.16 -0.99 -25.33
CA LEU B 51 2.25 -2.08 -25.03
C LEU B 51 0.93 -1.35 -24.91
N GLU B 52 0.89 -0.07 -25.27
CA GLU B 52 -0.38 0.64 -25.28
C GLU B 52 -1.15 0.26 -26.54
N THR B 53 -2.46 0.13 -26.39
CA THR B 53 -3.35 -0.10 -27.53
C THR B 53 -4.53 0.84 -27.39
N ARG B 54 -4.73 1.70 -28.38
CA ARG B 54 -5.86 2.59 -28.33
C ARG B 54 -7.17 1.80 -28.31
N VAL B 55 -8.25 2.48 -27.98
CA VAL B 55 -9.57 1.87 -27.96
C VAL B 55 -10.55 2.85 -28.56
N VAL B 56 -11.36 2.38 -29.51
CA VAL B 56 -12.31 3.25 -30.20
C VAL B 56 -13.75 2.77 -30.09
N GLN B 57 -14.01 1.67 -29.39
CA GLN B 57 -15.37 1.23 -29.13
C GLN B 57 -15.79 1.47 -27.68
N ALA B 58 -15.02 2.25 -26.94
CA ALA B 58 -15.33 2.55 -25.55
C ALA B 58 -15.54 4.02 -25.22
N GLU B 59 -15.81 4.83 -26.22
CA GLU B 59 -16.10 6.24 -26.03
C GLU B 59 -17.56 6.68 -26.17
N ARG B 60 -18.49 5.86 -25.72
CA ARG B 60 -19.90 6.19 -25.81
C ARG B 60 -20.39 6.66 -24.45
N PHE B 61 -21.17 7.75 -24.46
CA PHE B 61 -21.69 8.34 -23.23
C PHE B 61 -22.38 7.30 -22.38
N PHE B 62 -22.47 7.57 -21.07
CA PHE B 62 -23.32 6.78 -20.21
C PHE B 62 -23.95 7.66 -19.15
N LYS B 63 -25.27 7.58 -19.02
CA LYS B 63 -25.96 8.42 -18.06
C LYS B 63 -25.59 8.02 -16.64
N THR B 64 -26.04 8.83 -15.69
CA THR B 64 -25.87 8.60 -14.26
C THR B 64 -26.73 9.62 -13.53
N HIS B 65 -27.12 9.29 -12.31
CA HIS B 65 -27.97 10.15 -11.50
C HIS B 65 -27.32 10.69 -10.25
N LEU B 66 -27.15 12.01 -10.18
CA LEU B 66 -26.50 12.64 -9.03
C LEU B 66 -27.36 12.82 -7.78
N PHE B 67 -28.46 13.54 -7.88
CA PHE B 67 -29.22 13.96 -6.70
C PHE B 67 -30.54 14.57 -7.17
N ASP B 68 -31.28 15.13 -6.22
CA ASP B 68 -32.57 15.74 -6.49
C ASP B 68 -32.51 17.13 -5.88
N TRP B 69 -32.06 18.09 -6.66
CA TRP B 69 -32.10 19.49 -6.28
C TRP B 69 -33.51 19.88 -5.86
N VAL B 70 -33.64 20.43 -4.65
CA VAL B 70 -34.95 20.72 -4.08
C VAL B 70 -34.88 22.04 -3.34
N THR B 71 -36.02 22.72 -3.25
CA THR B 71 -36.08 24.08 -2.72
C THR B 71 -35.57 24.22 -1.30
N SER B 72 -35.30 23.11 -0.62
CA SER B 72 -34.76 23.12 0.73
C SER B 72 -33.30 22.75 0.76
N ASP B 73 -32.58 22.94 -0.35
CA ASP B 73 -31.17 22.56 -0.43
C ASP B 73 -30.36 23.83 -0.26
N PRO B 74 -29.86 24.13 0.93
CA PRO B 74 -29.18 25.40 1.15
C PRO B 74 -27.85 25.44 0.43
N PHE B 75 -27.26 26.63 0.40
CA PHE B 75 -25.95 26.78 -0.21
C PHE B 75 -24.94 25.88 0.47
N GLY B 76 -24.00 25.36 -0.32
CA GLY B 76 -22.92 24.58 0.24
C GLY B 76 -23.00 23.10 -0.03
N ARG B 77 -24.21 22.53 0.04
CA ARG B 77 -24.35 21.10 -0.17
C ARG B 77 -23.91 20.73 -1.58
N CYS B 78 -22.96 19.81 -1.67
CA CYS B 78 -22.43 19.37 -2.95
C CYS B 78 -22.41 17.85 -2.96
N TYR B 79 -23.09 17.25 -3.93
CA TYR B 79 -23.05 15.81 -4.13
C TYR B 79 -22.01 15.53 -5.19
N GLN B 80 -20.84 15.03 -4.76
CA GLN B 80 -19.71 14.76 -5.69
C GLN B 80 -19.74 13.30 -6.16
N LEU B 81 -19.45 13.08 -7.45
CA LEU B 81 -19.40 11.73 -8.08
C LEU B 81 -17.96 11.51 -8.57
N GLU B 82 -17.42 10.29 -8.36
CA GLU B 82 -16.02 9.99 -8.77
C GLU B 82 -15.98 9.03 -9.97
N LEU B 83 -15.44 9.50 -11.09
CA LEU B 83 -15.31 8.67 -12.33
C LEU B 83 -14.25 7.60 -12.09
N PRO B 84 -14.34 6.38 -12.67
CA PRO B 84 -15.14 6.12 -13.87
C PRO B 84 -16.60 5.70 -13.60
N THR B 85 -16.94 5.50 -12.33
CA THR B 85 -18.31 5.11 -11.86
C THR B 85 -18.67 3.66 -12.26
N ASP B 86 -17.64 2.80 -12.21
CA ASP B 86 -17.74 1.33 -12.43
C ASP B 86 -18.77 0.92 -13.48
N HIS B 87 -18.58 1.39 -14.71
CA HIS B 87 -19.51 1.19 -15.86
C HIS B 87 -20.01 -0.27 -15.99
N LYS B 88 -21.22 -0.46 -16.48
CA LYS B 88 -21.62 -1.90 -16.63
C LYS B 88 -21.27 -2.49 -18.01
N GLY B 89 -21.45 -1.72 -19.09
CA GLY B 89 -21.18 -2.23 -20.45
C GLY B 89 -19.79 -1.85 -20.94
N VAL B 90 -19.72 -1.20 -22.11
CA VAL B 90 -18.40 -0.76 -22.66
C VAL B 90 -17.82 0.26 -21.66
N TYR B 91 -16.53 0.10 -21.36
CA TYR B 91 -15.66 0.85 -20.39
C TYR B 91 -15.81 0.25 -18.98
N GLY B 92 -16.62 -0.80 -18.86
CA GLY B 92 -16.80 -1.59 -17.63
C GLY B 92 -15.92 -2.80 -17.81
N SER B 93 -15.85 -3.24 -19.07
CA SER B 93 -14.94 -4.33 -19.52
C SER B 93 -13.51 -3.78 -19.60
N LEU B 94 -13.28 -2.68 -20.33
CA LEU B 94 -11.87 -2.21 -20.33
C LEU B 94 -11.40 -2.24 -18.86
N THR B 95 -12.24 -1.84 -17.92
CA THR B 95 -11.85 -1.88 -16.48
C THR B 95 -11.29 -3.13 -15.80
N ASP B 96 -11.86 -4.32 -16.07
CA ASP B 96 -11.39 -5.57 -15.43
C ASP B 96 -10.49 -6.37 -16.39
N SER B 97 -10.12 -5.83 -17.55
CA SER B 97 -9.28 -6.60 -18.45
C SER B 97 -7.84 -6.15 -18.40
N TYR B 98 -7.66 -4.83 -18.31
CA TYR B 98 -6.35 -4.21 -18.28
C TYR B 98 -6.06 -3.51 -16.98
N ALA B 99 -4.87 -3.76 -16.43
CA ALA B 99 -4.49 -3.14 -15.18
C ALA B 99 -4.38 -1.62 -15.27
N TYR B 100 -3.83 -1.10 -16.37
CA TYR B 100 -3.68 0.35 -16.50
C TYR B 100 -4.45 0.98 -17.65
N MET B 101 -5.30 1.95 -17.34
CA MET B 101 -6.07 2.67 -18.36
C MET B 101 -5.99 4.18 -18.14
N ARG B 102 -5.76 4.93 -19.21
CA ARG B 102 -5.69 6.38 -19.12
C ARG B 102 -6.72 6.98 -20.06
N ASN B 103 -7.52 7.94 -19.59
CA ASN B 103 -8.52 8.53 -20.46
C ASN B 103 -8.61 10.00 -20.10
N GLY B 104 -9.32 10.75 -20.95
CA GLY B 104 -9.67 12.13 -20.67
C GLY B 104 -11.19 12.09 -20.73
N TRP B 105 -11.84 12.97 -19.99
CA TRP B 105 -13.27 12.90 -19.81
C TRP B 105 -14.00 13.98 -20.60
N ASP B 106 -15.22 13.65 -21.01
CA ASP B 106 -16.17 14.60 -21.56
C ASP B 106 -17.43 14.49 -20.72
N VAL B 107 -17.73 15.52 -19.93
CA VAL B 107 -18.88 15.42 -18.99
C VAL B 107 -19.85 16.59 -19.21
N GLU B 108 -21.12 16.27 -19.45
CA GLU B 108 -22.20 17.28 -19.63
C GLU B 108 -23.28 17.05 -18.57
N VAL B 109 -23.62 18.08 -17.79
CA VAL B 109 -24.68 17.98 -16.74
C VAL B 109 -25.95 18.58 -17.33
N THR B 110 -27.11 17.95 -17.09
CA THR B 110 -28.37 18.45 -17.70
C THR B 110 -29.46 18.54 -16.63
N ALA B 111 -29.54 19.67 -15.92
CA ALA B 111 -30.60 19.85 -14.92
C ALA B 111 -31.84 20.40 -15.65
N VAL B 112 -32.90 19.61 -15.73
CA VAL B 112 -34.14 20.05 -16.44
C VAL B 112 -34.71 21.25 -15.69
N GLY B 113 -35.12 22.29 -16.42
CA GLY B 113 -35.71 23.48 -15.77
C GLY B 113 -36.98 23.92 -16.50
N ASN B 114 -37.86 24.63 -15.81
CA ASN B 114 -39.12 25.13 -16.42
C ASN B 114 -38.89 26.52 -17.01
N GLN B 115 -37.68 27.07 -16.81
CA GLN B 115 -37.14 28.39 -17.26
C GLN B 115 -37.59 29.52 -16.33
N PHE B 116 -38.37 29.20 -15.29
CA PHE B 116 -38.84 30.19 -14.29
C PHE B 116 -38.18 29.91 -12.94
N ASN B 117 -37.23 28.97 -12.92
CA ASN B 117 -36.53 28.58 -11.67
C ASN B 117 -35.04 28.94 -11.79
N GLY B 118 -34.51 29.67 -10.81
CA GLY B 118 -33.09 30.05 -10.81
C GLY B 118 -32.37 29.51 -9.59
N GLY B 119 -31.38 28.64 -9.79
CA GLY B 119 -30.66 28.07 -8.67
C GLY B 119 -29.16 28.29 -8.77
N CYS B 120 -28.71 28.59 -9.98
CA CYS B 120 -27.29 28.81 -10.19
C CYS B 120 -26.47 27.61 -9.74
N LEU B 121 -26.94 26.41 -10.07
CA LEU B 121 -26.25 25.18 -9.69
C LEU B 121 -24.90 25.25 -10.38
N LEU B 122 -23.85 24.77 -9.72
CA LEU B 122 -22.52 24.84 -10.31
C LEU B 122 -21.89 23.46 -10.40
N VAL B 123 -21.27 23.17 -11.53
CA VAL B 123 -20.51 21.93 -11.71
C VAL B 123 -19.05 22.28 -11.86
N ALA B 124 -18.18 21.32 -11.55
CA ALA B 124 -16.74 21.55 -11.63
C ALA B 124 -16.24 20.14 -11.88
N MET B 125 -14.97 20.05 -12.28
CA MET B 125 -14.34 18.77 -12.61
C MET B 125 -13.04 18.93 -11.85
N VAL B 126 -13.12 18.95 -10.53
CA VAL B 126 -11.97 19.17 -9.66
C VAL B 126 -11.18 17.87 -9.59
N PRO B 127 -9.86 17.90 -9.75
CA PRO B 127 -9.07 16.67 -9.70
C PRO B 127 -8.66 16.34 -8.28
N GLU B 128 -9.03 15.14 -7.82
CA GLU B 128 -8.54 14.57 -6.57
C GLU B 128 -8.87 15.26 -5.25
N LEU B 129 -10.09 15.77 -5.13
CA LEU B 129 -10.48 16.34 -3.86
C LEU B 129 -10.56 15.43 -2.66
N CYS B 130 -10.37 16.03 -1.47
CA CYS B 130 -10.65 15.38 -0.20
C CYS B 130 -11.01 16.54 0.71
N SER B 131 -12.21 16.50 1.29
CA SER B 131 -12.62 17.41 2.36
C SER B 131 -12.48 18.94 2.30
N ILE B 132 -13.04 19.51 1.23
CA ILE B 132 -13.22 20.99 1.22
C ILE B 132 -13.82 21.32 2.60
N ASP B 133 -13.23 22.24 3.35
CA ASP B 133 -13.64 22.47 4.76
C ASP B 133 -14.75 23.53 4.90
N LYS B 134 -15.40 23.88 3.77
CA LYS B 134 -16.50 24.87 3.59
C LYS B 134 -15.92 26.29 3.47
N ARG B 135 -14.59 26.38 3.40
CA ARG B 135 -13.85 27.66 3.23
C ARG B 135 -13.34 27.62 1.78
N GLY B 136 -12.90 26.45 1.31
CA GLY B 136 -12.48 26.39 -0.10
C GLY B 136 -13.69 26.34 -1.01
N LEU B 137 -14.88 26.04 -0.48
CA LEU B 137 -16.05 26.00 -1.36
C LEU B 137 -16.26 27.33 -2.06
N TYR B 138 -16.10 28.44 -1.35
CA TYR B 138 -16.28 29.74 -1.97
C TYR B 138 -15.33 29.96 -3.14
N GLN B 139 -14.19 29.26 -3.15
CA GLN B 139 -13.21 29.41 -4.20
C GLN B 139 -13.16 28.22 -5.14
N LEU B 140 -14.03 27.24 -4.93
CA LEU B 140 -14.16 26.07 -5.79
C LEU B 140 -14.13 26.37 -7.28
N THR B 141 -14.59 27.55 -7.69
CA THR B 141 -14.70 27.86 -9.10
C THR B 141 -13.35 27.90 -9.81
N LEU B 142 -12.26 27.69 -9.08
CA LEU B 142 -10.93 27.78 -9.67
C LEU B 142 -10.70 26.71 -10.72
N PHE B 143 -11.13 25.49 -10.44
CA PHE B 143 -11.05 24.39 -11.40
C PHE B 143 -11.98 24.68 -12.57
N PRO B 144 -11.92 23.89 -13.65
CA PRO B 144 -12.86 24.11 -14.75
C PRO B 144 -14.29 23.93 -14.28
N HIS B 145 -15.19 24.69 -14.89
CA HIS B 145 -16.55 24.77 -14.39
C HIS B 145 -17.42 25.53 -15.36
N GLN B 146 -18.72 25.29 -15.29
CA GLN B 146 -19.71 26.08 -16.01
C GLN B 146 -20.81 25.94 -14.97
N PHE B 147 -21.51 27.02 -14.65
CA PHE B 147 -22.53 26.93 -13.63
C PHE B 147 -23.73 27.30 -14.48
N ILE B 148 -24.85 26.63 -14.22
CA ILE B 148 -26.04 26.70 -15.05
C ILE B 148 -27.11 27.48 -14.33
N ASN B 149 -27.59 28.55 -14.95
CA ASN B 149 -28.72 29.30 -14.42
C ASN B 149 -29.93 29.01 -15.27
N PRO B 150 -30.97 28.41 -14.73
CA PRO B 150 -32.15 28.14 -15.56
C PRO B 150 -32.79 29.41 -16.12
N ARG B 151 -32.24 30.58 -15.81
CA ARG B 151 -32.53 31.76 -16.61
C ARG B 151 -31.89 31.67 -17.99
N THR B 152 -30.98 30.73 -18.18
CA THR B 152 -30.18 30.60 -19.39
C THR B 152 -29.75 29.44 -20.30
N ASN B 153 -28.97 28.54 -19.72
CA ASN B 153 -28.50 27.34 -20.38
C ASN B 153 -28.86 26.22 -19.42
N MET B 154 -29.48 25.17 -19.91
CA MET B 154 -29.87 24.07 -19.06
C MET B 154 -28.78 23.01 -18.95
N THR B 155 -27.65 23.22 -19.59
CA THR B 155 -26.58 22.24 -19.57
C THR B 155 -25.24 22.93 -19.38
N ALA B 156 -24.20 22.11 -19.22
CA ALA B 156 -22.84 22.61 -19.04
C ALA B 156 -21.89 21.53 -19.50
N HIS B 157 -21.06 21.83 -20.49
CA HIS B 157 -20.29 20.80 -21.19
C HIS B 157 -18.82 21.02 -20.93
N ILE B 158 -18.33 20.47 -19.82
CA ILE B 158 -16.93 20.57 -19.45
C ILE B 158 -16.15 19.57 -20.29
N THR B 159 -14.83 19.66 -20.27
CA THR B 159 -13.99 18.60 -20.81
C THR B 159 -12.62 18.73 -20.18
N VAL B 160 -12.05 17.60 -19.77
CA VAL B 160 -10.75 17.62 -19.11
C VAL B 160 -9.88 16.50 -19.64
N PRO B 161 -8.60 16.72 -19.80
CA PRO B 161 -7.71 15.62 -20.19
C PRO B 161 -7.08 14.99 -18.97
N PHE B 162 -6.76 13.70 -19.05
CA PHE B 162 -6.31 12.96 -17.88
C PHE B 162 -5.06 13.56 -17.25
N VAL B 163 -5.19 14.06 -16.03
CA VAL B 163 -4.07 14.61 -15.28
C VAL B 163 -3.79 13.68 -14.11
N GLY B 164 -2.52 13.36 -13.90
CA GLY B 164 -2.17 12.42 -12.85
C GLY B 164 -0.68 12.41 -12.61
N VAL B 165 -0.30 11.74 -11.53
CA VAL B 165 1.11 11.65 -11.16
C VAL B 165 1.88 10.63 -11.95
N ASN B 166 1.23 9.92 -12.87
CA ASN B 166 1.88 8.92 -13.69
C ASN B 166 1.43 9.07 -15.12
N ARG B 167 2.13 8.42 -16.04
CA ARG B 167 1.62 8.30 -17.40
C ARG B 167 0.24 7.69 -17.38
N TYR B 168 0.15 6.45 -16.90
CA TYR B 168 -1.09 5.72 -16.81
C TYR B 168 -1.38 5.43 -15.35
N ASP B 169 -2.67 5.21 -15.04
CA ASP B 169 -3.06 4.76 -13.72
C ASP B 169 -3.87 3.49 -13.64
N GLN B 170 -4.09 3.04 -12.41
CA GLN B 170 -4.93 1.88 -12.14
C GLN B 170 -6.23 2.39 -11.56
N TYR B 171 -7.32 2.14 -12.25
CA TYR B 171 -8.53 2.76 -11.75
C TYR B 171 -9.18 1.96 -10.67
N LYS B 172 -8.47 1.06 -10.02
CA LYS B 172 -9.00 0.37 -8.87
C LYS B 172 -8.67 1.08 -7.56
N VAL B 173 -7.61 1.89 -7.53
CA VAL B 173 -7.20 2.53 -6.28
C VAL B 173 -7.04 4.04 -6.39
N HIS B 174 -6.89 4.61 -7.58
CA HIS B 174 -6.48 6.01 -7.73
C HIS B 174 -7.38 6.69 -8.76
N LYS B 175 -8.52 7.18 -8.30
CA LYS B 175 -9.53 7.74 -9.19
C LYS B 175 -9.37 9.26 -9.27
N PRO B 176 -8.70 9.72 -10.33
CA PRO B 176 -8.35 11.13 -10.51
C PRO B 176 -9.46 12.18 -10.63
N TRP B 177 -10.54 11.93 -11.37
CA TRP B 177 -11.54 12.97 -11.51
C TRP B 177 -12.87 12.74 -10.80
N THR B 178 -13.28 13.72 -10.00
CA THR B 178 -14.54 13.62 -9.30
C THR B 178 -15.40 14.80 -9.71
N LEU B 179 -16.59 14.51 -10.23
CA LEU B 179 -17.50 15.58 -10.63
C LEU B 179 -18.06 16.20 -9.37
N VAL B 180 -18.13 17.53 -9.34
CA VAL B 180 -18.65 18.22 -8.18
C VAL B 180 -19.81 19.13 -8.54
N VAL B 181 -20.92 19.00 -7.81
CA VAL B 181 -22.08 19.84 -8.06
C VAL B 181 -22.36 20.60 -6.77
N MET B 182 -22.45 21.92 -6.88
CA MET B 182 -22.71 22.76 -5.72
C MET B 182 -23.90 23.67 -5.96
N VAL B 183 -24.80 23.76 -4.99
CA VAL B 183 -25.95 24.63 -5.17
C VAL B 183 -25.64 25.99 -4.59
N VAL B 184 -25.24 26.91 -5.45
CA VAL B 184 -24.91 28.28 -5.06
C VAL B 184 -26.13 29.03 -4.55
N ALA B 185 -27.26 28.79 -5.18
CA ALA B 185 -28.52 29.45 -4.88
C ALA B 185 -29.61 28.40 -4.77
N PRO B 186 -30.19 28.27 -3.50
CA PRO B 186 -31.22 27.22 -3.43
C PRO B 186 -32.30 27.40 -4.48
N LEU B 187 -32.84 26.29 -4.99
CA LEU B 187 -33.89 26.34 -6.00
C LEU B 187 -34.99 27.28 -5.52
N THR B 188 -35.70 27.87 -6.47
CA THR B 188 -36.79 28.80 -6.16
C THR B 188 -37.97 28.56 -7.07
N VAL B 189 -38.94 27.79 -6.59
CA VAL B 189 -40.13 27.48 -7.38
C VAL B 189 -41.25 28.48 -7.16
N ASN B 190 -42.10 28.65 -8.16
CA ASN B 190 -43.22 29.59 -8.07
C ASN B 190 -44.01 28.60 -8.91
N THR B 191 -45.33 28.73 -8.90
CA THR B 191 -46.20 27.85 -9.67
C THR B 191 -45.73 27.62 -11.10
N GLU B 192 -45.03 28.60 -11.65
CA GLU B 192 -44.48 28.48 -13.00
C GLU B 192 -43.24 27.63 -13.24
N GLY B 193 -42.56 27.29 -12.15
CA GLY B 193 -41.36 26.47 -12.23
C GLY B 193 -41.38 25.11 -11.59
N ALA B 194 -40.69 24.14 -12.20
CA ALA B 194 -40.66 22.80 -11.64
C ALA B 194 -40.47 22.77 -10.13
N PRO B 195 -41.32 22.03 -9.43
CA PRO B 195 -41.22 21.95 -7.97
C PRO B 195 -40.09 20.92 -8.08
N GLN B 196 -38.87 21.31 -7.76
CA GLN B 196 -37.74 20.40 -7.83
C GLN B 196 -36.94 19.53 -8.79
N ILE B 197 -36.37 20.15 -9.81
CA ILE B 197 -35.59 19.41 -10.80
C ILE B 197 -34.41 18.52 -10.42
N LYS B 198 -34.38 17.34 -11.05
CA LYS B 198 -33.31 16.37 -10.87
C LYS B 198 -32.14 16.58 -11.80
N VAL B 199 -30.94 16.30 -11.31
CA VAL B 199 -29.75 16.42 -12.15
C VAL B 199 -29.01 15.17 -12.58
N TYR B 200 -28.72 15.06 -13.87
CA TYR B 200 -28.10 13.89 -14.45
C TYR B 200 -26.89 14.08 -15.35
N ALA B 201 -25.88 13.36 -15.28
CA ALA B 201 -24.62 13.54 -15.98
C ALA B 201 -24.32 12.58 -17.10
N ASN B 202 -23.97 13.10 -18.27
CA ASN B 202 -23.61 12.28 -19.41
C ASN B 202 -22.12 12.47 -19.19
N ILE B 203 -21.48 11.44 -18.64
CA ILE B 203 -20.05 11.44 -18.37
C ILE B 203 -19.61 10.52 -19.51
N ALA B 204 -18.62 10.94 -20.27
CA ALA B 204 -18.23 10.15 -21.42
C ALA B 204 -16.72 10.14 -21.61
N PRO B 205 -16.07 8.99 -21.45
CA PRO B 205 -14.61 8.94 -21.64
C PRO B 205 -14.25 9.27 -23.07
N THR B 206 -13.01 9.73 -23.25
CA THR B 206 -12.52 10.03 -24.58
C THR B 206 -11.01 9.83 -24.62
N ASN B 207 -10.51 9.37 -25.76
CA ASN B 207 -9.10 9.15 -25.98
C ASN B 207 -8.55 8.12 -24.99
N VAL B 208 -9.25 6.99 -24.90
CA VAL B 208 -8.87 5.96 -23.94
C VAL B 208 -7.53 5.34 -24.36
N HIS B 209 -6.89 4.66 -23.42
CA HIS B 209 -5.71 3.87 -23.70
C HIS B 209 -5.60 2.79 -22.64
N VAL B 210 -5.04 1.64 -23.02
CA VAL B 210 -4.87 0.53 -22.10
C VAL B 210 -3.52 -0.12 -22.36
N ALA B 211 -3.07 -0.93 -21.40
CA ALA B 211 -1.82 -1.66 -21.54
C ALA B 211 -1.69 -2.74 -20.47
N GLY B 212 -1.26 -3.93 -20.87
CA GLY B 212 -1.17 -5.03 -19.92
C GLY B 212 -2.53 -5.66 -19.71
N GLU B 213 -2.59 -6.98 -19.71
CA GLU B 213 -3.86 -7.69 -19.66
C GLU B 213 -3.89 -8.62 -18.46
N PHE B 214 -4.90 -8.47 -17.62
CA PHE B 214 -5.11 -9.42 -16.54
C PHE B 214 -5.31 -10.81 -17.11
N PRO B 215 -5.14 -11.83 -16.29
CA PRO B 215 -5.61 -13.17 -16.67
C PRO B 215 -7.11 -13.28 -16.48
N SER B 216 -7.67 -14.35 -17.04
CA SER B 216 -9.11 -14.55 -16.96
C SER B 216 -9.53 -14.76 -15.50
N LYS B 217 -10.84 -14.74 -15.28
CA LYS B 217 -11.36 -14.84 -13.92
C LYS B 217 -11.24 -16.24 -13.35
N GLU B 218 -11.35 -17.27 -14.19
CA GLU B 218 -11.24 -18.65 -13.73
C GLU B 218 -9.84 -18.93 -13.18
N GLY C 1 43.88 46.51 -0.84
CA GLY C 1 44.52 45.57 -1.76
C GLY C 1 44.08 44.14 -1.54
N ILE C 2 43.85 43.77 -0.29
CA ILE C 2 43.41 42.42 0.01
C ILE C 2 42.04 42.20 -0.62
N PHE C 3 41.95 41.22 -1.50
CA PHE C 3 40.68 40.84 -2.10
C PHE C 3 39.64 40.56 -1.01
N PRO C 4 38.41 41.03 -1.16
CA PRO C 4 37.39 40.75 -0.16
C PRO C 4 36.58 39.52 -0.49
N VAL C 5 36.17 38.79 0.53
CA VAL C 5 35.36 37.61 0.33
C VAL C 5 34.58 37.38 1.61
N ALA C 6 33.44 36.71 1.49
CA ALA C 6 32.61 36.39 2.64
C ALA C 6 32.49 34.88 2.64
N CYS C 7 32.73 34.24 3.77
CA CYS C 7 32.63 32.79 3.82
C CYS C 7 31.21 32.42 4.20
N SER C 8 30.52 31.73 3.30
CA SER C 8 29.16 31.32 3.54
C SER C 8 29.12 30.31 4.68
N ASP C 9 28.03 30.32 5.43
CA ASP C 9 27.91 29.39 6.54
C ASP C 9 27.21 28.14 6.05
N GLY C 10 27.89 27.02 6.19
CA GLY C 10 27.36 25.74 5.77
C GLY C 10 27.51 25.49 4.29
N TYR C 11 28.14 26.42 3.58
CA TYR C 11 28.33 26.22 2.15
C TYR C 11 29.23 25.04 1.89
N GLY C 12 30.27 24.89 2.69
CA GLY C 12 31.20 23.79 2.52
C GLY C 12 31.30 22.82 3.67
N GLY C 13 31.09 21.54 3.36
CA GLY C 13 31.16 20.47 4.33
C GLY C 13 31.70 19.24 3.61
N LEU C 14 32.28 18.31 4.35
CA LEU C 14 32.81 17.10 3.71
C LEU C 14 31.68 16.13 3.42
N VAL C 15 31.04 16.30 2.27
CA VAL C 15 30.00 15.36 1.86
C VAL C 15 30.65 14.11 1.27
N THR C 16 30.17 12.94 1.69
CA THR C 16 30.82 11.69 1.35
C THR C 16 30.62 11.32 -0.12
N THR C 17 29.81 12.06 -0.85
CA THR C 17 29.91 12.08 -2.31
C THR C 17 30.79 13.30 -2.60
N ASP C 18 31.85 13.09 -3.37
CA ASP C 18 32.86 14.11 -3.51
C ASP C 18 32.86 14.72 -4.91
N PRO C 19 31.99 15.70 -5.19
CA PRO C 19 32.09 16.38 -6.49
C PRO C 19 33.39 17.14 -6.63
N LYS C 20 33.98 17.60 -5.52
CA LYS C 20 35.28 18.23 -5.56
C LYS C 20 36.38 17.19 -5.49
N THR C 21 37.52 17.53 -6.07
CA THR C 21 38.69 16.64 -6.07
C THR C 21 39.68 17.04 -4.99
N ALA C 22 40.46 16.09 -4.50
CA ALA C 22 41.45 16.36 -3.46
C ALA C 22 42.71 17.18 -3.66
N ASP C 23 43.47 17.33 -2.56
CA ASP C 23 44.78 18.02 -2.58
C ASP C 23 45.85 16.92 -2.76
N PRO C 24 46.84 17.08 -3.66
CA PRO C 24 47.81 16.01 -3.89
C PRO C 24 49.03 16.06 -2.96
N ALA C 25 49.20 15.01 -2.15
CA ALA C 25 50.36 14.88 -1.25
C ALA C 25 51.65 14.78 -2.10
N TYR C 26 51.69 13.82 -3.04
CA TYR C 26 52.86 13.64 -3.93
C TYR C 26 52.55 14.28 -5.29
N GLY C 27 53.33 15.29 -5.68
CA GLY C 27 53.09 15.98 -6.96
C GLY C 27 53.27 15.07 -8.16
N LYS C 28 54.35 14.27 -8.16
CA LYS C 28 54.71 13.46 -9.35
C LYS C 28 54.92 11.99 -8.93
N VAL C 29 54.21 11.07 -9.58
CA VAL C 29 54.31 9.60 -9.30
C VAL C 29 53.88 8.88 -10.57
N PHE C 30 54.68 7.93 -11.06
CA PHE C 30 54.32 7.27 -12.33
C PHE C 30 54.04 5.79 -12.09
N ASN C 31 52.86 5.33 -12.54
CA ASN C 31 52.45 3.90 -12.45
C ASN C 31 52.61 3.34 -13.86
N PRO C 32 53.06 1.93 -14.10
CA PRO C 32 53.35 1.08 -15.25
C PRO C 32 52.16 1.04 -16.19
N PRO C 33 52.35 0.70 -17.46
CA PRO C 33 51.28 0.87 -18.44
C PRO C 33 50.11 -0.07 -18.21
N ARG C 34 49.02 0.47 -17.70
CA ARG C 34 47.82 -0.34 -17.44
C ARG C 34 46.92 -0.56 -18.64
N ASN C 35 47.31 -0.10 -19.84
CA ASN C 35 46.45 -0.35 -20.98
C ASN C 35 46.39 -1.79 -21.49
N MET C 36 45.51 -2.01 -22.45
CA MET C 36 45.33 -3.32 -23.09
C MET C 36 45.15 -4.43 -22.07
N LEU C 37 44.53 -4.09 -20.94
CA LEU C 37 44.07 -5.02 -19.93
C LEU C 37 43.37 -6.18 -20.63
N PRO C 38 43.38 -7.38 -20.08
CA PRO C 38 42.78 -8.51 -20.80
C PRO C 38 41.33 -8.26 -21.17
N GLY C 39 40.50 -7.98 -20.18
CA GLY C 39 39.12 -7.63 -20.46
C GLY C 39 38.56 -6.61 -19.50
N ARG C 40 38.12 -5.48 -20.03
CA ARG C 40 37.60 -4.39 -19.24
C ARG C 40 36.09 -4.29 -19.34
N PHE C 41 35.44 -3.91 -18.25
CA PHE C 41 34.03 -3.53 -18.29
C PHE C 41 33.65 -2.16 -17.77
N THR C 42 33.19 -1.30 -18.70
CA THR C 42 32.85 0.11 -18.40
C THR C 42 31.82 0.19 -17.27
N ASN C 43 30.62 -0.35 -17.50
CA ASN C 43 29.55 -0.30 -16.48
C ASN C 43 29.07 -1.72 -16.18
N PHE C 44 28.49 -1.92 -14.99
CA PHE C 44 28.02 -3.24 -14.53
C PHE C 44 26.93 -3.77 -15.46
N LEU C 45 26.05 -2.90 -15.96
CA LEU C 45 24.93 -3.32 -16.86
C LEU C 45 25.50 -4.00 -18.11
N ASP C 46 26.60 -3.48 -18.67
CA ASP C 46 27.23 -4.14 -19.86
C ASP C 46 27.64 -5.56 -19.44
N VAL C 47 28.25 -5.70 -18.26
CA VAL C 47 28.66 -7.05 -17.74
C VAL C 47 27.41 -7.90 -17.53
N ALA C 48 26.34 -7.30 -16.97
CA ALA C 48 25.11 -8.06 -16.70
C ALA C 48 24.53 -8.58 -18.02
N GLU C 49 24.47 -7.72 -19.04
CA GLU C 49 23.94 -8.13 -20.38
C GLU C 49 24.87 -9.17 -21.01
N ALA C 50 26.18 -8.97 -20.88
CA ALA C 50 27.19 -9.86 -21.51
C ALA C 50 27.10 -11.30 -20.98
N CYS C 51 26.96 -11.48 -19.66
CA CYS C 51 26.90 -12.88 -19.16
C CYS C 51 25.58 -13.13 -18.40
N PRO C 52 24.75 -14.09 -18.85
CA PRO C 52 23.49 -14.41 -18.17
C PRO C 52 23.79 -15.14 -16.85
N THR C 53 22.92 -14.97 -15.85
CA THR C 53 23.13 -15.63 -14.53
C THR C 53 21.95 -16.58 -14.27
N PHE C 54 22.10 -17.49 -13.30
CA PHE C 54 21.04 -18.43 -12.98
C PHE C 54 20.07 -17.84 -11.97
N LEU C 55 18.91 -18.47 -11.85
CA LEU C 55 17.95 -18.20 -10.79
C LEU C 55 17.78 -19.40 -9.87
N HIS C 56 17.38 -19.14 -8.63
CA HIS C 56 17.29 -20.17 -7.60
C HIS C 56 15.89 -20.65 -7.28
N PHE C 57 15.51 -21.79 -7.84
CA PHE C 57 14.15 -22.31 -7.70
C PHE C 57 14.07 -23.17 -6.44
N GLU C 58 12.90 -23.74 -6.18
CA GLU C 58 12.73 -24.57 -5.00
C GLU C 58 13.70 -25.74 -4.93
N GLY C 59 13.98 -26.19 -3.71
CA GLY C 59 14.98 -27.22 -3.51
C GLY C 59 16.39 -26.76 -3.79
N ASP C 60 16.63 -25.46 -3.80
CA ASP C 60 17.95 -24.87 -4.04
C ASP C 60 18.80 -25.24 -5.27
N VAL C 61 18.09 -25.56 -6.35
CA VAL C 61 18.72 -25.86 -7.63
C VAL C 61 18.36 -24.88 -8.74
N PRO C 62 19.19 -24.73 -9.78
CA PRO C 62 18.84 -23.82 -10.87
C PRO C 62 17.83 -24.39 -11.86
N TYR C 63 17.54 -25.68 -11.82
CA TYR C 63 16.65 -26.29 -12.79
C TYR C 63 15.26 -26.45 -12.21
N VAL C 64 14.25 -26.27 -13.06
CA VAL C 64 12.88 -26.56 -12.70
C VAL C 64 12.49 -27.89 -13.35
N THR C 65 12.01 -28.82 -12.55
CA THR C 65 11.70 -30.14 -13.06
C THR C 65 10.52 -30.07 -14.02
N THR C 66 10.24 -31.20 -14.66
CA THR C 66 9.10 -31.34 -15.55
C THR C 66 8.01 -32.09 -14.79
N LYS C 67 7.13 -31.33 -14.15
CA LYS C 67 6.09 -31.94 -13.35
C LYS C 67 5.17 -32.78 -14.21
N THR C 68 4.74 -33.92 -13.67
CA THR C 68 3.85 -34.84 -14.35
C THR C 68 2.61 -35.07 -13.48
N ASP C 69 1.64 -34.17 -13.61
CA ASP C 69 0.40 -34.19 -12.84
C ASP C 69 -0.55 -33.20 -13.47
N SER C 70 -1.70 -33.01 -12.84
CA SER C 70 -2.75 -32.13 -13.38
C SER C 70 -2.39 -30.70 -13.03
N ASP C 71 -1.34 -30.45 -12.25
CA ASP C 71 -0.88 -29.09 -12.03
C ASP C 71 0.13 -28.72 -13.10
N ARG C 72 -0.02 -27.52 -13.65
CA ARG C 72 0.80 -27.11 -14.78
C ARG C 72 1.69 -25.91 -14.45
N VAL C 73 1.70 -25.47 -13.21
CA VAL C 73 2.56 -24.37 -12.81
C VAL C 73 3.88 -24.93 -12.30
N LEU C 74 4.98 -24.34 -12.75
CA LEU C 74 6.32 -24.79 -12.38
C LEU C 74 7.00 -23.82 -11.43
N ALA C 75 6.98 -22.54 -11.75
CA ALA C 75 7.60 -21.54 -10.90
C ALA C 75 6.89 -20.22 -11.17
N GLN C 76 6.32 -19.65 -10.12
CA GLN C 76 5.48 -18.46 -10.23
C GLN C 76 5.96 -17.48 -9.17
N PHE C 77 6.90 -16.63 -9.53
CA PHE C 77 7.59 -15.78 -8.59
C PHE C 77 7.31 -14.31 -8.89
N ASP C 78 7.35 -13.49 -7.84
CA ASP C 78 7.24 -12.05 -7.98
C ASP C 78 8.36 -11.53 -8.88
N LEU C 79 8.11 -10.37 -9.49
CA LEU C 79 9.05 -9.78 -10.42
C LEU C 79 10.04 -8.83 -9.75
N SER C 80 9.81 -8.45 -8.50
CA SER C 80 10.73 -7.55 -7.83
C SER C 80 12.12 -8.18 -7.72
N LEU C 81 13.13 -7.36 -7.93
CA LEU C 81 14.50 -7.85 -8.06
C LEU C 81 14.96 -8.60 -6.82
N ALA C 82 14.28 -8.40 -5.70
CA ALA C 82 14.60 -9.14 -4.49
C ALA C 82 13.81 -10.38 -4.08
N ALA C 83 12.97 -10.89 -4.97
CA ALA C 83 12.30 -12.15 -4.72
C ALA C 83 13.22 -13.34 -4.45
N LYS C 84 12.65 -14.36 -3.81
CA LYS C 84 13.45 -15.54 -3.49
C LYS C 84 13.98 -16.21 -4.75
N HIS C 85 13.21 -16.19 -5.82
CA HIS C 85 13.62 -16.87 -7.04
C HIS C 85 14.67 -16.10 -7.83
N MET C 86 15.03 -14.90 -7.40
CA MET C 86 16.19 -14.22 -7.96
C MET C 86 17.27 -13.91 -6.95
N SER C 87 17.05 -14.22 -5.67
CA SER C 87 18.03 -13.87 -4.65
C SER C 87 19.44 -14.26 -5.07
N ASN C 88 19.58 -15.39 -5.76
CA ASN C 88 20.88 -15.78 -6.31
C ASN C 88 21.54 -15.03 -7.44
N THR C 89 20.77 -14.48 -8.37
CA THR C 89 21.35 -14.04 -9.62
C THR C 89 22.20 -12.79 -9.46
N PHE C 90 23.06 -12.57 -10.45
CA PHE C 90 23.89 -11.37 -10.46
C PHE C 90 23.06 -10.12 -10.58
N LEU C 91 21.96 -10.17 -11.33
CA LEU C 91 21.14 -8.98 -11.47
C LEU C 91 20.58 -8.54 -10.12
N ALA C 92 20.10 -9.48 -9.32
CA ALA C 92 19.65 -9.12 -7.97
C ALA C 92 20.82 -8.65 -7.13
N GLY C 93 21.90 -9.43 -7.12
CA GLY C 93 23.08 -9.04 -6.37
C GLY C 93 23.59 -7.66 -6.69
N LEU C 94 23.21 -7.14 -7.86
CA LEU C 94 23.53 -5.77 -8.22
C LEU C 94 22.43 -4.82 -7.76
N ALA C 95 21.20 -5.05 -8.18
CA ALA C 95 20.10 -4.13 -7.92
C ALA C 95 19.86 -3.97 -6.43
N GLN C 96 20.37 -4.89 -5.62
CA GLN C 96 20.28 -4.71 -4.18
C GLN C 96 20.86 -3.40 -3.65
N TYR C 97 21.85 -2.83 -4.33
CA TYR C 97 22.45 -1.57 -3.92
C TYR C 97 21.68 -0.38 -4.46
N TYR C 98 21.41 -0.36 -5.76
CA TYR C 98 20.58 0.68 -6.34
C TYR C 98 19.17 0.59 -5.77
N THR C 99 18.30 1.55 -6.07
CA THR C 99 16.93 1.50 -5.58
C THR C 99 15.88 1.41 -6.67
N GLN C 100 16.07 2.03 -7.81
CA GLN C 100 15.02 2.09 -8.81
C GLN C 100 15.56 1.56 -10.13
N TYR C 101 14.83 0.62 -10.72
CA TYR C 101 15.18 0.06 -12.01
C TYR C 101 14.03 0.19 -12.99
N SER C 102 14.36 0.12 -14.27
CA SER C 102 13.37 0.25 -15.34
C SER C 102 13.73 -0.63 -16.51
N GLY C 103 12.76 -0.84 -17.40
CA GLY C 103 13.02 -1.60 -18.58
C GLY C 103 12.93 -3.10 -18.39
N THR C 104 13.21 -3.81 -19.47
CA THR C 104 12.97 -5.24 -19.56
C THR C 104 13.91 -6.01 -18.63
N ILE C 105 13.63 -7.30 -18.49
CA ILE C 105 14.49 -8.25 -17.78
C ILE C 105 14.50 -9.56 -18.56
N ASN C 106 15.55 -9.81 -19.33
CA ASN C 106 15.61 -10.98 -20.18
C ASN C 106 15.70 -12.24 -19.33
N LEU C 107 14.70 -13.11 -19.41
CA LEU C 107 14.79 -14.44 -18.85
C LEU C 107 15.16 -15.44 -19.93
N HIS C 108 16.24 -16.17 -19.72
CA HIS C 108 16.72 -17.16 -20.67
C HIS C 108 16.36 -18.54 -20.17
N PHE C 109 15.50 -19.23 -20.91
CA PHE C 109 15.24 -20.64 -20.68
C PHE C 109 16.01 -21.44 -21.72
N MET C 110 16.63 -22.54 -21.28
CA MET C 110 17.22 -23.48 -22.22
C MET C 110 16.90 -24.88 -21.75
N PHE C 111 16.31 -25.67 -22.64
CA PHE C 111 16.03 -27.08 -22.33
C PHE C 111 17.18 -28.05 -22.37
N THR C 112 17.41 -28.73 -21.25
CA THR C 112 18.49 -29.70 -21.16
C THR C 112 17.78 -30.98 -20.84
N GLY C 113 17.46 -31.81 -21.81
CA GLY C 113 16.81 -33.05 -21.55
C GLY C 113 17.33 -33.71 -22.80
N PRO C 114 17.16 -35.02 -22.86
CA PRO C 114 17.67 -35.76 -24.01
C PRO C 114 16.79 -35.54 -25.22
N THR C 115 17.37 -35.75 -26.41
CA THR C 115 16.60 -35.63 -27.63
C THR C 115 15.52 -36.71 -27.74
N ASP C 116 15.53 -37.69 -26.84
CA ASP C 116 14.44 -38.65 -26.73
C ASP C 116 13.11 -37.93 -26.55
N ALA C 117 13.11 -36.84 -25.80
CA ALA C 117 11.88 -36.25 -25.32
C ALA C 117 11.87 -34.75 -25.56
N LYS C 118 10.69 -34.19 -25.80
CA LYS C 118 10.54 -32.77 -25.98
C LYS C 118 9.22 -32.31 -25.39
N ALA C 119 9.21 -31.09 -24.86
CA ALA C 119 8.05 -30.53 -24.20
C ALA C 119 7.94 -29.02 -24.31
N ARG C 120 6.70 -28.53 -24.26
CA ARG C 120 6.41 -27.14 -24.61
C ARG C 120 6.22 -26.41 -23.28
N TYR C 121 6.82 -25.25 -23.15
CA TYR C 121 6.71 -24.45 -21.94
C TYR C 121 6.11 -23.15 -22.43
N MET C 122 5.28 -22.54 -21.59
CA MET C 122 4.59 -21.30 -21.95
C MET C 122 4.77 -20.29 -20.81
N ILE C 123 5.77 -19.42 -20.93
CA ILE C 123 5.87 -18.33 -19.99
C ILE C 123 4.67 -17.41 -20.16
N ALA C 124 4.35 -16.66 -19.10
CA ALA C 124 3.19 -15.79 -19.14
C ALA C 124 3.56 -14.69 -18.17
N TYR C 125 3.08 -13.49 -18.46
CA TYR C 125 3.29 -12.31 -17.64
C TYR C 125 1.88 -11.93 -17.21
N ALA C 126 1.78 -11.29 -16.05
CA ALA C 126 0.48 -10.98 -15.50
C ALA C 126 0.76 -9.70 -14.69
N PRO C 127 0.11 -8.59 -15.02
CA PRO C 127 0.40 -7.34 -14.37
C PRO C 127 -0.33 -7.35 -13.03
N PRO C 128 -0.03 -6.43 -12.12
CA PRO C 128 -0.59 -6.51 -10.76
C PRO C 128 -2.08 -6.23 -10.71
N GLY C 129 -2.66 -6.29 -9.52
CA GLY C 129 -4.06 -6.01 -9.32
C GLY C 129 -4.94 -7.22 -9.10
N MET C 130 -4.74 -8.29 -9.86
CA MET C 130 -5.48 -9.52 -9.66
C MET C 130 -4.50 -10.65 -9.38
N GLU C 131 -4.83 -11.47 -8.39
CA GLU C 131 -4.03 -12.59 -7.95
C GLU C 131 -3.48 -13.37 -9.14
N PRO C 132 -2.25 -13.88 -9.04
CA PRO C 132 -1.63 -14.51 -10.20
C PRO C 132 -2.44 -15.71 -10.66
N PRO C 133 -2.32 -16.08 -11.93
CA PRO C 133 -3.13 -17.18 -12.46
C PRO C 133 -2.74 -18.52 -11.83
N LYS C 134 -3.48 -19.55 -12.23
CA LYS C 134 -3.29 -20.87 -11.64
C LYS C 134 -3.12 -21.98 -12.66
N THR C 135 -3.28 -21.70 -13.94
CA THR C 135 -3.26 -22.74 -14.96
C THR C 135 -3.26 -22.13 -16.35
N PRO C 136 -2.72 -22.86 -17.31
CA PRO C 136 -2.65 -22.41 -18.69
C PRO C 136 -4.06 -22.24 -19.21
N GLU C 137 -4.25 -21.22 -20.03
CA GLU C 137 -5.53 -20.86 -20.61
C GLU C 137 -6.28 -19.96 -19.63
N ALA C 138 -5.64 -19.68 -18.50
CA ALA C 138 -6.18 -18.80 -17.50
C ALA C 138 -5.28 -17.58 -17.60
N ALA C 139 -4.00 -17.85 -17.84
CA ALA C 139 -2.99 -16.82 -17.99
C ALA C 139 -2.75 -16.55 -19.47
N ALA C 140 -3.49 -17.25 -20.32
CA ALA C 140 -3.35 -17.10 -21.76
C ALA C 140 -3.67 -15.70 -22.26
N HIS C 141 -4.70 -15.09 -21.68
CA HIS C 141 -5.09 -13.74 -22.08
C HIS C 141 -3.94 -12.79 -21.80
N CYS C 142 -3.28 -12.99 -20.68
CA CYS C 142 -2.15 -12.16 -20.28
C CYS C 142 -1.09 -12.43 -21.33
N ILE C 143 -0.23 -11.45 -21.61
CA ILE C 143 0.78 -11.66 -22.64
C ILE C 143 1.63 -12.86 -22.26
N HIS C 144 1.83 -13.78 -23.21
CA HIS C 144 2.60 -14.98 -22.95
C HIS C 144 3.18 -15.54 -24.23
N ALA C 145 4.24 -16.33 -24.10
CA ALA C 145 4.87 -16.95 -25.26
C ALA C 145 5.05 -18.46 -25.08
N GLU C 146 4.64 -19.24 -26.09
CA GLU C 146 4.81 -20.68 -26.06
C GLU C 146 5.95 -21.06 -26.98
N TRP C 147 6.59 -22.19 -26.71
CA TRP C 147 7.70 -22.62 -27.55
C TRP C 147 7.94 -24.12 -27.37
N ASP C 148 8.12 -24.82 -28.48
CA ASP C 148 8.62 -26.18 -28.46
C ASP C 148 10.12 -26.18 -28.24
N THR C 149 10.72 -27.36 -28.16
CA THR C 149 12.16 -27.48 -27.98
C THR C 149 12.67 -28.57 -28.91
N GLY C 150 13.20 -28.18 -30.06
CA GLY C 150 13.71 -29.14 -31.03
C GLY C 150 15.17 -29.00 -31.36
N LEU C 151 15.46 -28.48 -32.56
CA LEU C 151 16.84 -28.37 -33.05
C LEU C 151 17.71 -27.63 -32.05
N ASN C 152 17.35 -26.40 -31.73
CA ASN C 152 18.06 -25.59 -30.76
C ASN C 152 17.28 -25.15 -29.52
N SER C 153 17.92 -25.19 -28.37
CA SER C 153 17.13 -25.01 -27.16
C SER C 153 16.96 -23.73 -26.36
N LYS C 154 17.77 -22.73 -26.53
CA LYS C 154 17.75 -21.58 -25.63
C LYS C 154 16.72 -20.61 -26.19
N PHE C 155 15.70 -20.31 -25.40
CA PHE C 155 14.69 -19.32 -25.74
C PHE C 155 14.75 -18.18 -24.74
N THR C 156 14.56 -16.95 -25.22
CA THR C 156 14.78 -15.75 -24.41
C THR C 156 13.54 -14.87 -24.42
N PHE C 157 12.61 -15.13 -23.52
CA PHE C 157 11.50 -14.21 -23.34
C PHE C 157 12.01 -12.95 -22.67
N SER C 158 11.39 -11.82 -23.01
CA SER C 158 11.81 -10.52 -22.48
C SER C 158 10.65 -9.95 -21.69
N ILE C 159 10.60 -10.26 -20.40
CA ILE C 159 9.59 -9.72 -19.50
C ILE C 159 9.52 -8.22 -19.69
N PRO C 160 8.40 -7.69 -20.12
CA PRO C 160 8.34 -6.27 -20.43
C PRO C 160 8.29 -5.47 -19.16
N TYR C 161 8.37 -4.15 -19.27
CA TYR C 161 8.22 -3.27 -18.12
C TYR C 161 7.07 -2.33 -18.41
N LEU C 162 5.94 -2.55 -17.73
CA LEU C 162 4.83 -1.61 -17.78
C LEU C 162 4.30 -1.46 -16.35
N SER C 163 4.47 -0.27 -15.80
CA SER C 163 4.10 0.01 -14.43
C SER C 163 3.52 1.41 -14.35
N ALA C 164 2.76 1.65 -13.28
CA ALA C 164 2.12 2.95 -13.09
C ALA C 164 3.13 4.07 -13.18
N ALA C 165 4.11 4.08 -12.29
CA ALA C 165 5.14 5.11 -12.32
C ALA C 165 6.15 4.83 -13.42
N ASP C 166 6.87 5.85 -13.85
CA ASP C 166 7.98 5.65 -14.76
C ASP C 166 9.23 4.90 -14.29
N TYR C 167 9.35 4.67 -12.99
CA TYR C 167 10.39 3.82 -12.45
C TYR C 167 9.78 3.02 -11.30
N ALA C 168 10.17 1.75 -11.21
CA ALA C 168 9.71 0.90 -10.14
C ALA C 168 10.74 0.84 -9.03
N TYR C 169 10.36 0.33 -7.87
CA TYR C 169 11.30 0.26 -6.75
C TYR C 169 12.02 -1.07 -6.64
N THR C 170 13.36 -1.00 -6.60
CA THR C 170 14.17 -2.20 -6.49
C THR C 170 13.92 -2.92 -5.18
N ALA C 171 13.83 -2.19 -4.09
CA ALA C 171 13.58 -2.84 -2.81
C ALA C 171 12.25 -2.43 -2.20
N SER C 172 11.40 -3.41 -1.93
CA SER C 172 10.09 -3.18 -1.33
C SER C 172 9.72 -4.38 -0.47
N ASP C 173 8.84 -4.18 0.50
CA ASP C 173 8.43 -5.29 1.35
C ASP C 173 7.71 -6.32 0.50
N ALA C 174 8.10 -7.58 0.64
CA ALA C 174 7.48 -8.66 -0.11
C ALA C 174 6.74 -9.65 0.78
N ALA C 175 6.66 -9.36 2.07
CA ALA C 175 5.99 -10.27 2.97
C ALA C 175 4.50 -10.44 2.63
N GLU C 176 3.76 -9.33 2.62
CA GLU C 176 2.28 -9.45 2.41
C GLU C 176 1.83 -8.46 1.34
N THR C 177 0.57 -8.58 0.90
CA THR C 177 0.04 -7.68 -0.18
C THR C 177 0.82 -7.71 -1.51
N THR C 178 1.37 -8.91 -1.76
CA THR C 178 2.18 -9.48 -2.86
C THR C 178 3.32 -8.46 -3.03
N ASN C 179 3.69 -7.95 -4.25
CA ASN C 179 4.54 -6.73 -4.50
C ASN C 179 3.63 -6.36 -5.68
N VAL C 180 3.85 -5.14 -6.19
CA VAL C 180 3.03 -4.40 -7.21
C VAL C 180 3.81 -4.48 -8.53
N GLN C 181 5.11 -4.78 -8.54
CA GLN C 181 5.85 -4.83 -9.83
C GLN C 181 5.19 -5.83 -10.78
N GLY C 182 4.78 -7.01 -10.30
CA GLY C 182 4.09 -7.96 -11.20
C GLY C 182 4.45 -9.41 -10.92
N TRP C 183 3.76 -10.35 -11.59
CA TRP C 183 4.00 -11.77 -11.45
C TRP C 183 4.51 -12.30 -12.77
N VAL C 184 5.03 -13.53 -12.75
CA VAL C 184 5.52 -14.20 -13.94
C VAL C 184 5.13 -15.67 -13.82
N CYS C 185 5.34 -16.43 -14.88
CA CYS C 185 4.97 -17.84 -14.84
C CYS C 185 5.79 -18.70 -15.81
N LEU C 186 5.81 -19.99 -15.53
CA LEU C 186 6.53 -20.94 -16.36
C LEU C 186 5.64 -22.13 -16.64
N PHE C 187 4.36 -21.86 -16.84
CA PHE C 187 3.38 -22.91 -17.11
C PHE C 187 3.67 -23.89 -18.23
N GLN C 188 3.60 -25.19 -17.90
CA GLN C 188 3.90 -26.26 -18.89
C GLN C 188 2.61 -26.94 -19.33
N ILE C 189 2.09 -26.54 -20.49
CA ILE C 189 0.81 -27.11 -21.02
C ILE C 189 0.98 -28.60 -21.32
N THR C 190 2.11 -29.01 -21.91
CA THR C 190 2.35 -30.44 -22.25
C THR C 190 3.81 -30.81 -21.98
N HIS C 191 4.08 -32.12 -21.97
CA HIS C 191 5.41 -32.75 -21.77
C HIS C 191 5.25 -34.24 -22.09
N GLY C 192 6.00 -34.76 -23.06
CA GLY C 192 5.83 -36.19 -23.40
C GLY C 192 7.07 -37.03 -23.10
N LYS C 193 6.92 -38.00 -22.20
CA LYS C 193 8.02 -38.95 -21.86
C LYS C 193 9.30 -38.18 -21.54
N ALA C 194 9.23 -37.15 -20.69
CA ALA C 194 10.47 -36.39 -20.40
C ALA C 194 10.56 -35.89 -18.96
N ASP C 195 10.32 -36.75 -17.96
CA ASP C 195 10.54 -36.28 -16.57
C ASP C 195 12.03 -36.01 -16.25
N GLY C 196 12.94 -36.84 -16.77
CA GLY C 196 14.37 -36.70 -16.48
C GLY C 196 14.95 -35.38 -16.95
N ASP C 197 14.55 -34.93 -18.14
CA ASP C 197 14.97 -33.65 -18.76
C ASP C 197 14.77 -32.50 -17.78
N ALA C 198 15.73 -31.57 -17.60
CA ALA C 198 15.25 -30.53 -16.69
C ALA C 198 15.62 -29.12 -17.14
N LEU C 199 14.63 -28.21 -17.07
CA LEU C 199 14.83 -26.81 -17.45
C LEU C 199 15.76 -26.03 -16.53
N VAL C 200 16.50 -25.08 -17.11
CA VAL C 200 17.44 -24.25 -16.37
C VAL C 200 17.06 -22.87 -16.89
N VAL C 201 16.98 -21.89 -15.99
CA VAL C 201 16.61 -20.53 -16.36
C VAL C 201 17.78 -19.61 -16.11
N LEU C 202 17.78 -18.48 -16.79
CA LEU C 202 18.86 -17.51 -16.69
C LEU C 202 18.30 -16.10 -16.81
N ALA C 203 18.60 -15.25 -15.84
CA ALA C 203 18.16 -13.85 -15.85
C ALA C 203 19.28 -12.95 -16.35
N SER C 204 18.89 -11.78 -16.84
CA SER C 204 19.84 -10.83 -17.40
C SER C 204 19.16 -9.49 -17.55
N ALA C 205 19.96 -8.45 -17.72
CA ALA C 205 19.44 -7.13 -18.01
C ALA C 205 19.15 -7.01 -19.49
N GLY C 206 17.95 -6.51 -19.80
CA GLY C 206 17.43 -6.40 -21.18
C GLY C 206 18.03 -5.27 -22.01
N LYS C 207 17.50 -5.11 -23.23
CA LYS C 207 17.99 -4.08 -24.18
C LYS C 207 18.11 -2.71 -23.48
N ASP C 208 17.42 -2.52 -22.35
CA ASP C 208 17.56 -1.25 -21.64
C ASP C 208 17.11 -1.41 -20.20
N PHE C 209 18.02 -1.24 -19.26
CA PHE C 209 17.76 -1.58 -17.86
C PHE C 209 18.89 -0.79 -17.24
N GLU C 210 18.64 0.45 -16.84
CA GLU C 210 19.76 1.37 -16.58
C GLU C 210 19.12 1.79 -15.26
N LEU C 211 19.75 1.40 -14.16
CA LEU C 211 19.25 1.66 -12.83
C LEU C 211 19.83 2.98 -12.31
N ARG C 212 19.24 3.53 -11.26
CA ARG C 212 19.71 4.80 -10.72
C ARG C 212 19.76 4.82 -9.20
N LEU C 213 20.14 5.98 -8.65
CA LEU C 213 20.13 6.27 -7.22
C LEU C 213 20.92 5.38 -6.26
N PRO C 214 22.18 5.08 -6.54
CA PRO C 214 22.97 4.27 -5.62
C PRO C 214 22.89 4.59 -4.14
N VAL C 215 22.68 3.54 -3.34
CA VAL C 215 22.67 3.65 -1.90
C VAL C 215 23.22 2.38 -1.27
N ASP C 216 24.47 2.43 -0.80
CA ASP C 216 25.10 1.21 -0.28
C ASP C 216 24.48 0.90 1.07
N ALA C 217 23.45 0.05 1.06
CA ALA C 217 22.77 -0.40 2.26
C ALA C 217 23.46 -1.65 2.79
N ARG C 218 22.89 -2.20 3.87
CA ARG C 218 23.46 -3.40 4.47
C ARG C 218 23.37 -4.57 3.50
N THR C 219 24.42 -5.40 3.49
CA THR C 219 24.49 -6.53 2.57
C THR C 219 25.50 -7.57 3.04
N SER D 15 16.46 32.58 -13.36
CA SER D 15 15.10 32.01 -13.33
C SER D 15 14.40 32.37 -12.03
N GLY D 16 14.55 31.50 -11.03
CA GLY D 16 13.92 31.72 -9.75
C GLY D 16 14.66 32.74 -8.92
N ASN D 17 14.75 32.47 -7.61
CA ASN D 17 15.37 33.41 -6.63
C ASN D 17 16.89 33.36 -6.74
N THR D 18 17.43 32.72 -7.77
CA THR D 18 18.91 32.61 -7.96
C THR D 18 19.49 33.03 -9.30
N GLY D 19 19.80 34.33 -9.44
CA GLY D 19 20.43 34.89 -10.65
C GLY D 19 21.84 35.36 -10.32
N SER D 20 22.85 34.63 -10.79
CA SER D 20 24.27 34.99 -10.54
C SER D 20 25.00 35.14 -11.87
N ILE D 21 25.76 36.22 -12.02
CA ILE D 21 26.53 36.54 -13.25
C ILE D 21 27.59 35.47 -13.54
N ILE D 22 28.20 34.94 -12.46
CA ILE D 22 29.31 33.93 -12.57
C ILE D 22 28.75 32.50 -12.64
N ASN D 23 27.45 32.35 -12.89
CA ASN D 23 26.79 31.02 -13.02
C ASN D 23 27.02 30.19 -11.74
N ASN D 24 27.39 28.92 -11.91
CA ASN D 24 27.62 27.99 -10.77
C ASN D 24 28.98 27.30 -10.95
N TYR D 25 29.75 27.16 -9.87
CA TYR D 25 31.09 26.52 -9.96
C TYR D 25 30.96 25.07 -10.43
N TYR D 26 29.96 24.34 -9.92
CA TYR D 26 29.76 22.92 -10.34
C TYR D 26 29.00 22.88 -11.67
N MET D 27 28.91 21.70 -12.29
CA MET D 27 28.21 21.62 -13.56
C MET D 27 26.70 21.52 -13.31
N GLN D 28 25.94 21.62 -14.40
CA GLN D 28 24.48 21.57 -14.29
C GLN D 28 24.02 20.23 -13.72
N GLN D 29 24.62 19.13 -14.18
CA GLN D 29 24.18 17.81 -13.75
C GLN D 29 24.29 17.66 -12.24
N TYR D 30 25.43 17.99 -11.67
CA TYR D 30 25.55 17.88 -10.23
C TYR D 30 24.73 18.94 -9.51
N GLN D 31 24.51 20.09 -10.14
CA GLN D 31 23.83 21.18 -9.45
C GLN D 31 22.36 20.86 -9.26
N ASN D 32 21.63 20.72 -10.36
CA ASN D 32 20.21 20.39 -10.30
C ASN D 32 20.07 18.98 -10.82
N SER D 33 18.88 18.43 -10.62
CA SER D 33 18.47 17.33 -11.48
C SER D 33 18.56 17.65 -12.97
N MET D 34 18.81 16.63 -13.77
CA MET D 34 18.77 16.80 -15.22
C MET D 34 17.32 16.72 -15.67
N ASP D 35 17.01 17.21 -16.86
CA ASP D 35 15.69 16.99 -17.42
C ASP D 35 15.62 16.27 -18.76
N THR D 36 14.45 15.68 -19.02
CA THR D 36 14.20 14.96 -20.25
C THR D 36 12.98 15.56 -20.96
N GLN D 37 12.78 15.13 -22.20
CA GLN D 37 11.67 15.58 -23.03
C GLN D 37 11.07 14.38 -23.74
N LEU D 38 10.08 14.64 -24.59
CA LEU D 38 9.47 13.59 -25.39
C LEU D 38 9.21 14.12 -26.80
N GLY D 39 8.82 13.21 -27.69
CA GLY D 39 8.54 13.56 -29.06
C GLY D 39 9.79 13.85 -29.86
N ASN D 65 4.57 24.71 -22.69
CA ASN D 65 3.75 25.90 -22.55
C ASN D 65 2.78 25.76 -21.39
N ASP D 66 2.38 26.90 -20.84
CA ASP D 66 1.50 26.98 -19.68
C ASP D 66 0.10 27.38 -20.11
N TRP D 67 -0.85 27.13 -19.22
CA TRP D 67 -2.25 27.34 -19.53
C TRP D 67 -2.90 28.46 -18.74
N PHE D 68 -2.47 28.70 -17.51
CA PHE D 68 -3.05 29.76 -16.70
C PHE D 68 -2.33 31.09 -16.87
N SER D 69 -1.46 31.20 -17.87
CA SER D 69 -0.98 32.48 -18.35
C SER D 69 -1.40 32.70 -19.80
N LYS D 70 -2.17 31.78 -20.36
CA LYS D 70 -2.84 31.96 -21.64
C LYS D 70 -4.34 32.11 -21.49
N LEU D 71 -4.93 31.49 -20.48
CA LEU D 71 -6.34 31.74 -20.18
C LEU D 71 -6.56 33.22 -19.86
N ALA D 72 -5.70 33.80 -19.03
CA ALA D 72 -5.85 35.21 -18.70
C ALA D 72 -5.59 36.10 -19.91
N SER D 73 -4.55 35.78 -20.70
CA SER D 73 -4.25 36.60 -21.86
C SER D 73 -5.34 36.50 -22.92
N SER D 74 -6.08 35.39 -22.97
CA SER D 74 -7.18 35.22 -23.89
C SER D 74 -8.51 35.64 -23.29
N ALA D 75 -8.49 36.47 -22.26
CA ALA D 75 -9.73 36.91 -21.64
C ALA D 75 -10.43 37.92 -22.52
N PHE D 76 -11.76 37.83 -22.57
CA PHE D 76 -12.55 38.79 -23.31
C PHE D 76 -12.60 40.10 -22.56
N SER D 77 -12.45 41.21 -23.29
CA SER D 77 -12.44 42.52 -22.66
C SER D 77 -13.37 43.47 -23.38
N GLY D 78 -13.42 44.72 -22.93
CA GLY D 78 -14.20 45.73 -23.62
C GLY D 78 -15.68 45.52 -23.35
N LEU D 79 -16.48 46.09 -24.25
CA LEU D 79 -17.92 46.09 -24.12
C LEU D 79 -18.63 45.25 -25.17
N PHE D 80 -19.69 44.55 -24.73
CA PHE D 80 -20.45 43.61 -25.60
C PHE D 80 -21.56 44.33 -26.36
N GLY D 81 -21.71 45.64 -26.16
CA GLY D 81 -22.77 46.41 -26.84
C GLY D 81 -22.26 47.75 -27.35
N ALA D 82 -22.99 48.38 -28.27
CA ALA D 82 -22.58 49.70 -28.81
C ALA D 82 -22.50 50.68 -27.64
N LEU D 83 -21.44 51.49 -27.59
CA LEU D 83 -21.25 52.42 -26.45
C LEU D 83 -21.42 53.88 -26.89
N LEU D 84 -22.44 54.56 -26.36
CA LEU D 84 -22.67 55.96 -26.63
C LEU D 84 -21.75 56.84 -25.79
N ALA D 85 -21.74 58.13 -26.12
CA ALA D 85 -20.94 59.12 -25.41
C ALA D 85 -19.46 58.75 -25.32
N GLN E 1 4.64 -31.06 43.19
CA GLN E 1 3.51 -31.89 42.77
C GLN E 1 2.23 -31.45 43.45
N VAL E 2 1.40 -30.71 42.71
CA VAL E 2 0.14 -30.21 43.25
C VAL E 2 -0.88 -31.35 43.28
N GLN E 3 -1.71 -31.37 44.32
CA GLN E 3 -2.73 -32.38 44.45
C GLN E 3 -4.03 -31.92 43.79
N LEU E 4 -4.69 -32.82 43.05
CA LEU E 4 -5.99 -32.55 42.47
C LEU E 4 -6.90 -33.75 42.61
N ARG E 5 -8.19 -33.48 42.80
CA ARG E 5 -9.16 -34.52 43.11
C ARG E 5 -10.51 -34.16 42.48
N GLU E 6 -11.24 -35.17 42.02
CA GLU E 6 -12.56 -34.99 41.44
C GLU E 6 -13.55 -35.92 42.12
N SER E 7 -14.81 -35.48 42.20
CA SER E 7 -15.88 -36.27 42.78
C SER E 7 -17.20 -35.82 42.20
N GLY E 8 -18.11 -36.78 42.02
CA GLY E 8 -19.41 -36.48 41.47
C GLY E 8 -20.33 -37.68 41.40
N PRO E 9 -21.60 -37.43 41.09
CA PRO E 9 -22.57 -38.54 41.00
C PRO E 9 -22.32 -39.38 39.76
N SER E 10 -22.22 -40.69 39.96
CA SER E 10 -21.93 -41.63 38.88
C SER E 10 -23.18 -42.27 38.29
N LEU E 11 -24.23 -42.44 39.11
CA LEU E 11 -25.51 -42.95 38.64
C LEU E 11 -26.46 -41.76 38.56
N VAL E 12 -26.79 -41.35 37.33
CA VAL E 12 -27.51 -40.11 37.10
C VAL E 12 -28.58 -40.33 36.03
N LYS E 13 -29.64 -39.53 36.11
CA LYS E 13 -30.75 -39.39 35.18
C LYS E 13 -30.60 -38.09 34.38
N PRO E 14 -30.69 -38.18 33.05
CA PRO E 14 -30.45 -36.98 32.23
C PRO E 14 -31.50 -35.90 32.46
N SER E 15 -31.20 -34.73 31.91
CA SER E 15 -32.12 -33.58 31.91
C SER E 15 -32.41 -33.09 33.32
N GLN E 16 -31.36 -32.90 34.11
CA GLN E 16 -31.47 -32.34 35.44
C GLN E 16 -30.26 -31.45 35.71
N THR E 17 -30.25 -30.84 36.90
CA THR E 17 -29.17 -29.94 37.30
C THR E 17 -28.12 -30.99 37.68
N LEU E 18 -27.19 -31.26 36.77
CA LEU E 18 -26.09 -32.16 37.04
C LEU E 18 -25.03 -31.21 37.59
N SER E 19 -24.44 -31.57 38.73
CA SER E 19 -23.47 -30.72 39.43
C SER E 19 -22.29 -31.56 39.89
N LEU E 20 -21.25 -31.61 39.08
CA LEU E 20 -19.97 -32.20 39.45
C LEU E 20 -19.15 -31.18 40.22
N THR E 21 -18.20 -31.68 41.01
CA THR E 21 -17.24 -30.84 41.71
C THR E 21 -15.84 -31.41 41.52
N CYS E 22 -14.84 -30.60 41.85
CA CYS E 22 -13.45 -30.99 41.74
C CYS E 22 -12.62 -30.29 42.80
N THR E 23 -11.43 -30.83 43.05
CA THR E 23 -10.49 -30.29 44.01
C THR E 23 -9.10 -30.07 43.46
N ALA E 24 -8.43 -29.00 43.89
CA ALA E 24 -7.06 -28.71 43.50
C ALA E 24 -6.54 -28.03 44.76
N SER E 25 -5.50 -28.62 45.36
CA SER E 25 -4.96 -28.14 46.62
C SER E 25 -3.53 -27.69 46.39
N GLY E 26 -3.18 -27.32 45.16
CA GLY E 26 -1.86 -26.82 44.84
C GLY E 26 -1.89 -25.61 43.93
N LEU E 27 -0.72 -25.01 43.75
CA LEU E 27 -0.56 -23.82 42.93
C LEU E 27 -0.93 -23.87 41.45
N SER E 28 -0.97 -25.06 40.85
CA SER E 28 -1.34 -25.18 39.44
C SER E 28 -2.77 -24.75 39.16
N LEU E 29 -3.61 -24.63 40.18
CA LEU E 29 -4.95 -24.11 40.01
C LEU E 29 -5.30 -23.08 41.09
N SER E 30 -4.31 -22.57 41.81
CA SER E 30 -4.51 -21.51 42.78
C SER E 30 -4.37 -20.12 42.17
N ASP E 31 -3.32 -19.89 41.38
CA ASP E 31 -3.23 -18.71 40.54
C ASP E 31 -3.89 -18.93 39.19
N LYS E 32 -3.83 -20.15 38.68
CA LYS E 32 -4.51 -20.53 37.45
C LYS E 32 -5.85 -21.21 37.70
N ALA E 33 -6.67 -21.32 36.67
CA ALA E 33 -8.09 -21.61 36.84
C ALA E 33 -8.61 -23.05 36.70
N VAL E 34 -9.83 -23.28 37.18
CA VAL E 34 -10.46 -24.59 37.16
C VAL E 34 -10.90 -25.17 35.83
N GLY E 35 -10.78 -26.49 35.70
CA GLY E 35 -11.07 -27.16 34.44
C GLY E 35 -12.28 -28.06 34.46
N TRP E 36 -13.11 -27.97 33.41
CA TRP E 36 -14.28 -28.81 33.26
C TRP E 36 -14.41 -29.19 31.79
N VAL E 37 -14.13 -30.45 31.46
CA VAL E 37 -14.33 -30.99 30.12
C VAL E 37 -14.74 -32.46 30.25
N ARG E 38 -15.04 -33.08 29.12
CA ARG E 38 -15.40 -34.49 29.04
C ARG E 38 -15.25 -34.93 27.58
N ARG E 39 -15.11 -36.23 27.38
CA ARG E 39 -15.02 -36.81 26.04
C ARG E 39 -16.29 -37.35 25.38
N ALA E 40 -16.50 -36.98 24.12
CA ALA E 40 -17.68 -37.41 23.42
C ALA E 40 -17.62 -38.92 23.14
N PRO E 41 -18.74 -39.63 23.30
CA PRO E 41 -18.74 -41.09 23.12
C PRO E 41 -18.66 -41.45 21.64
N THR E 42 -17.58 -42.15 21.26
CA THR E 42 -17.39 -42.67 19.92
C THR E 42 -17.49 -41.48 18.92
N LYS E 43 -16.86 -40.37 19.24
CA LYS E 43 -16.97 -39.16 18.47
C LYS E 43 -15.65 -38.40 18.67
N ALA E 44 -15.59 -37.17 18.16
CA ALA E 44 -14.43 -36.30 18.33
C ALA E 44 -14.50 -35.54 19.66
N LEU E 45 -13.39 -34.91 20.04
CA LEU E 45 -13.28 -34.28 21.35
C LEU E 45 -14.27 -33.19 21.79
N GLU E 46 -14.36 -33.01 23.11
CA GLU E 46 -15.36 -32.14 23.72
C GLU E 46 -14.78 -30.88 24.36
N TRP E 47 -15.66 -29.92 24.63
CA TRP E 47 -15.27 -28.68 25.29
C TRP E 47 -16.36 -28.23 26.25
N LEU E 48 -15.94 -27.76 27.44
CA LEU E 48 -16.82 -27.14 28.41
C LEU E 48 -16.02 -26.05 29.14
N GLY E 49 -16.72 -25.02 29.59
CA GLY E 49 -16.08 -23.78 29.99
C GLY E 49 -15.19 -23.91 31.21
N SER E 50 -14.59 -22.76 31.56
CA SER E 50 -13.67 -22.65 32.68
C SER E 50 -13.74 -21.24 33.23
N ILE E 51 -13.27 -21.07 34.47
CA ILE E 51 -13.32 -19.77 35.15
C ILE E 51 -12.00 -19.54 35.87
N ASP E 52 -11.49 -18.32 35.77
CA ASP E 52 -10.35 -17.88 36.58
C ASP E 52 -10.81 -17.60 38.01
N THR E 53 -9.85 -17.43 38.92
CA THR E 53 -10.16 -17.18 40.33
C THR E 53 -10.92 -15.88 40.55
N GLY E 54 -10.94 -14.97 39.58
CA GLY E 54 -11.69 -13.74 39.69
C GLY E 54 -13.11 -13.80 39.19
N SER E 55 -13.70 -14.99 39.15
CA SER E 55 -15.07 -15.23 38.69
C SER E 55 -15.30 -14.79 37.25
N SER E 56 -14.25 -14.82 36.42
CA SER E 56 -14.37 -14.45 35.01
C SER E 56 -14.61 -15.70 34.17
N THR E 57 -15.83 -15.86 33.66
CA THR E 57 -16.23 -17.04 32.94
C THR E 57 -16.08 -16.84 31.43
N GLY E 58 -15.94 -17.97 30.73
CA GLY E 58 -15.96 -17.98 29.27
C GLY E 58 -16.35 -19.34 28.74
N TYR E 59 -17.36 -19.38 27.87
CA TYR E 59 -17.96 -20.64 27.43
C TYR E 59 -18.09 -20.63 25.90
N ASN E 60 -18.45 -21.79 25.35
CA ASN E 60 -18.79 -21.85 23.94
C ASN E 60 -20.23 -21.38 23.73
N PRO E 61 -20.46 -20.44 22.81
CA PRO E 61 -21.80 -19.86 22.65
C PRO E 61 -22.86 -20.85 22.16
N GLY E 62 -22.46 -21.93 21.50
CA GLY E 62 -23.44 -22.85 20.93
C GLY E 62 -24.37 -23.45 21.96
N LEU E 63 -23.83 -23.78 23.14
CA LEU E 63 -24.61 -24.37 24.23
C LEU E 63 -24.65 -23.48 25.45
N LYS E 64 -24.41 -22.17 25.28
CA LYS E 64 -24.42 -21.22 26.39
C LYS E 64 -25.70 -21.30 27.20
N SER E 65 -26.81 -21.68 26.57
CA SER E 65 -28.09 -21.74 27.28
C SER E 65 -28.04 -22.70 28.46
N ARG E 66 -27.11 -23.66 28.46
CA ARG E 66 -27.06 -24.69 29.48
C ARG E 66 -25.84 -24.64 30.40
N LEU E 67 -24.88 -23.77 30.09
CA LEU E 67 -23.68 -23.62 30.91
C LEU E 67 -23.56 -22.43 31.84
N SER E 68 -23.24 -22.70 33.11
CA SER E 68 -22.97 -21.66 34.10
C SER E 68 -22.15 -22.39 35.15
N ILE E 69 -21.24 -21.67 35.79
CA ILE E 69 -20.25 -22.28 36.68
C ILE E 69 -19.86 -21.19 37.69
N THR E 70 -19.55 -21.62 38.91
CA THR E 70 -19.03 -20.74 39.95
C THR E 70 -17.79 -21.35 40.59
N LYS E 71 -17.08 -20.60 41.44
CA LYS E 71 -15.86 -21.11 42.03
C LYS E 71 -15.64 -20.75 43.49
N ASP E 72 -14.75 -21.51 44.14
CA ASP E 72 -14.38 -21.33 45.54
C ASP E 72 -12.89 -21.52 45.73
N ASN E 73 -12.37 -21.03 46.86
CA ASN E 73 -10.94 -21.09 47.14
C ASN E 73 -10.61 -21.68 48.50
N SER E 74 -11.54 -21.68 49.45
CA SER E 74 -11.24 -22.15 50.80
C SER E 74 -11.28 -23.66 51.01
N ARG E 75 -12.34 -24.32 50.52
CA ARG E 75 -12.47 -25.76 50.60
C ARG E 75 -11.69 -26.41 49.46
N ASN E 76 -11.18 -25.61 48.53
CA ASN E 76 -10.51 -26.11 47.33
C ASN E 76 -11.41 -27.06 46.55
N GLN E 77 -12.68 -26.69 46.43
CA GLN E 77 -13.65 -27.41 45.62
C GLN E 77 -14.39 -26.41 44.74
N VAL E 78 -14.63 -26.80 43.50
CA VAL E 78 -15.25 -25.91 42.52
C VAL E 78 -16.51 -26.56 41.96
N SER E 79 -17.50 -25.73 41.68
CA SER E 79 -18.82 -26.17 41.28
C SER E 79 -18.92 -26.35 39.77
N LEU E 80 -20.07 -26.89 39.34
CA LEU E 80 -20.38 -27.11 37.94
C LEU E 80 -21.88 -27.30 37.80
N THR E 81 -22.42 -26.94 36.64
CA THR E 81 -23.85 -27.11 36.37
C THR E 81 -24.05 -27.40 34.89
N ILE E 82 -24.63 -28.55 34.58
CA ILE E 82 -25.02 -28.89 33.21
C ILE E 82 -26.50 -29.24 33.23
N THR E 83 -27.34 -28.31 32.76
CA THR E 83 -28.77 -28.51 32.73
C THR E 83 -29.25 -28.79 31.31
N SER E 84 -30.52 -29.16 31.21
CA SER E 84 -31.15 -29.52 29.93
C SER E 84 -30.34 -30.59 29.20
N VAL E 85 -29.99 -31.64 29.93
CA VAL E 85 -29.14 -32.69 29.38
C VAL E 85 -29.98 -33.63 28.51
N THR E 86 -29.40 -34.08 27.41
CA THR E 86 -30.01 -35.04 26.51
C THR E 86 -29.23 -36.34 26.60
N THR E 87 -29.85 -37.43 26.14
CA THR E 87 -29.23 -38.76 26.23
C THR E 87 -27.84 -38.79 25.61
N GLU E 88 -27.58 -37.95 24.59
CA GLU E 88 -26.29 -37.98 23.91
C GLU E 88 -25.14 -37.53 24.81
N ASP E 89 -25.43 -36.79 25.88
CA ASP E 89 -24.40 -36.33 26.83
C ASP E 89 -24.05 -37.28 27.96
N SER E 90 -22.95 -38.03 27.78
CA SER E 90 -22.47 -38.96 28.79
C SER E 90 -20.99 -39.24 28.55
N ALA E 91 -20.21 -39.21 29.62
CA ALA E 91 -18.76 -39.42 29.55
C ALA E 91 -18.24 -39.64 30.96
N THR E 92 -16.92 -39.69 31.08
CA THR E 92 -16.24 -39.74 32.37
C THR E 92 -15.79 -38.35 32.79
N TYR E 93 -15.75 -38.10 34.10
CA TYR E 93 -15.27 -36.79 34.63
C TYR E 93 -13.74 -36.82 34.69
N TYR E 94 -13.08 -35.95 33.91
CA TYR E 94 -11.59 -35.92 33.87
C TYR E 94 -11.07 -34.49 33.71
N CYS E 95 -9.75 -34.32 33.90
CA CYS E 95 -9.02 -33.06 33.58
C CYS E 95 -9.60 -31.88 34.36
N ALA E 96 -9.91 -32.09 35.65
CA ALA E 96 -10.51 -31.02 36.50
C ALA E 96 -9.59 -29.80 36.44
N THR E 97 -8.28 -30.01 36.23
CA THR E 97 -7.31 -28.89 36.18
C THR E 97 -7.11 -28.12 34.87
N VAL E 98 -7.08 -26.77 34.95
CA VAL E 98 -6.86 -25.90 33.76
C VAL E 98 -5.42 -25.39 33.81
N HIS E 99 -4.65 -25.62 32.74
CA HIS E 99 -3.22 -25.25 32.69
C HIS E 99 -2.96 -23.97 31.88
N GLN E 100 -4.00 -23.23 31.47
CA GLN E 100 -3.69 -22.04 30.63
C GLN E 100 -4.56 -20.81 30.93
N HIS E 101 -4.06 -19.67 30.45
CA HIS E 101 -4.64 -18.32 30.47
C HIS E 101 -4.28 -17.76 29.10
N THR E 102 -4.93 -16.67 28.68
CA THR E 102 -4.91 -16.23 27.28
C THR E 102 -4.23 -14.86 27.09
N SER E 103 -4.04 -14.50 25.83
CA SER E 103 -3.46 -13.24 25.39
C SER E 103 -3.52 -13.09 23.88
N GLU E 104 -3.95 -11.91 23.43
CA GLU E 104 -4.34 -11.71 22.04
C GLU E 104 -3.56 -10.67 21.25
N LYS E 105 -2.96 -9.69 21.90
CA LYS E 105 -2.27 -8.62 21.17
C LYS E 105 -1.14 -9.01 20.23
N ARG E 106 -1.16 -8.39 19.05
CA ARG E 106 -0.18 -8.58 17.99
C ARG E 106 0.04 -7.21 17.34
N THR E 107 1.26 -6.96 16.84
CA THR E 107 1.55 -5.64 16.21
C THR E 107 2.53 -5.81 15.05
N CYS E 108 3.07 -4.69 14.54
CA CYS E 108 4.05 -4.68 13.42
C CYS E 108 3.49 -5.46 12.22
N PRO E 109 2.25 -5.18 11.76
CA PRO E 109 1.69 -5.88 10.60
C PRO E 109 2.48 -5.51 9.34
N ARG E 110 2.68 -6.49 8.45
CA ARG E 110 3.42 -6.29 7.17
C ARG E 110 4.83 -5.76 7.46
N ALA E 111 5.22 -4.68 6.79
CA ALA E 111 6.56 -4.07 6.96
C ALA E 111 6.51 -2.88 7.93
N TYR E 112 5.36 -2.61 8.53
CA TYR E 112 5.23 -1.48 9.49
C TYR E 112 5.76 -1.82 10.90
N ARG E 113 6.03 -0.77 11.68
CA ARG E 113 6.43 -0.90 13.08
C ARG E 113 5.74 0.17 13.90
N PRO E 114 5.12 -0.25 15.07
CA PRO E 114 4.44 0.81 15.82
C PRO E 114 5.34 1.91 16.38
N ASP E 115 6.51 1.54 16.89
CA ASP E 115 7.43 2.51 17.47
C ASP E 115 7.86 3.59 16.49
N CYS E 116 7.96 3.26 15.21
CA CYS E 116 8.39 4.23 14.20
C CYS E 116 7.16 4.90 13.61
N ALA E 117 6.49 5.70 14.43
CA ALA E 117 5.47 6.63 13.98
C ALA E 117 5.88 8.01 14.45
N ALA E 118 5.13 9.02 14.01
CA ALA E 118 5.35 10.41 14.40
C ALA E 118 6.60 10.82 13.63
N ARG E 119 6.86 10.09 12.55
CA ARG E 119 7.91 10.40 11.61
C ARG E 119 7.16 11.07 10.44
N TRP E 120 5.88 10.66 10.29
CA TRP E 120 4.96 11.15 9.22
C TRP E 120 3.76 11.85 9.87
N ASP E 121 3.89 12.23 11.15
CA ASP E 121 2.77 12.91 11.86
C ASP E 121 1.51 12.04 11.73
N CYS E 122 1.63 10.74 12.06
CA CYS E 122 0.49 9.79 11.92
C CYS E 122 -0.70 10.35 12.71
N PRO E 123 -2.00 10.58 12.09
CA PRO E 123 -3.52 11.20 12.50
C PRO E 123 -4.64 10.18 12.78
N GLY E 124 -4.80 9.69 14.02
CA GLY E 124 -5.95 8.79 14.17
C GLY E 124 -5.63 7.64 15.10
N GLY E 125 -6.55 6.66 15.17
CA GLY E 125 -6.43 5.47 16.03
C GLY E 125 -5.20 4.64 15.67
N ALA E 126 -4.89 4.48 14.38
CA ALA E 126 -3.73 3.66 13.99
C ALA E 126 -2.44 4.27 14.56
N ASP E 127 -1.63 3.45 15.22
CA ASP E 127 -0.36 3.91 15.84
C ASP E 127 0.84 3.19 15.20
N CYS E 128 0.58 2.33 14.22
CA CYS E 128 1.67 1.56 13.56
C CYS E 128 2.20 2.31 12.34
N GLY E 129 3.46 2.74 12.38
CA GLY E 129 4.07 3.46 11.27
C GLY E 129 4.74 2.59 10.24
N TYR E 130 5.05 3.16 9.07
CA TYR E 130 5.71 2.42 8.01
C TYR E 130 7.22 2.55 8.19
N CYS E 131 7.86 1.40 8.44
CA CYS E 131 9.32 1.28 8.71
C CYS E 131 10.43 1.59 7.70
N ASN E 132 10.19 1.28 6.42
CA ASN E 132 11.22 1.50 5.36
C ASN E 132 10.39 2.41 4.45
N PHE E 133 10.87 3.64 4.21
CA PHE E 133 10.12 4.60 3.37
C PHE E 133 10.44 4.36 1.88
N GLY E 134 9.91 3.27 1.33
CA GLY E 134 10.14 2.92 -0.09
C GLY E 134 8.82 2.82 -0.85
N ALA E 135 8.53 1.64 -1.42
CA ALA E 135 7.28 1.42 -2.19
C ALA E 135 6.07 1.43 -1.24
N GLY E 136 4.92 1.90 -1.75
CA GLY E 136 3.68 1.95 -0.95
C GLY E 136 3.02 0.59 -0.83
N SER E 137 2.63 0.21 0.38
CA SER E 137 1.94 -1.09 0.63
C SER E 137 0.53 -0.80 1.17
N TYR E 138 0.46 0.03 2.21
CA TYR E 138 -0.83 0.44 2.85
C TYR E 138 -0.88 1.97 2.90
N GLY E 139 0.12 2.63 2.30
CA GLY E 139 0.21 4.10 2.26
C GLY E 139 1.14 4.60 3.34
N ARG E 140 0.57 5.17 4.41
CA ARG E 140 1.38 5.61 5.58
C ARG E 140 0.60 5.31 6.87
N CYS E 141 1.15 4.39 7.68
CA CYS E 141 0.72 4.06 9.07
C CYS E 141 -0.76 3.64 9.19
N THR E 142 -1.26 2.81 8.27
CA THR E 142 -2.64 2.23 8.39
C THR E 142 -2.59 1.35 9.64
N PRO E 143 -3.69 1.30 10.66
CA PRO E 143 -3.89 0.75 12.01
C PRO E 143 -3.87 -0.78 11.96
N PHE E 144 -3.34 -1.40 12.99
CA PHE E 144 -3.25 -2.86 13.05
C PHE E 144 -4.40 -3.42 13.88
N THR E 145 -4.25 -4.66 14.33
CA THR E 145 -5.28 -5.30 15.15
C THR E 145 -5.35 -5.01 16.62
N VAL F 5 -11.32 -25.94 18.02
CA VAL F 5 -11.45 -27.21 18.69
C VAL F 5 -10.16 -28.00 18.61
N LEU F 6 -9.87 -28.76 19.67
CA LEU F 6 -8.70 -29.62 19.72
C LEU F 6 -9.08 -31.04 19.30
N THR F 7 -8.08 -31.79 18.82
CA THR F 7 -8.25 -33.18 18.45
C THR F 7 -7.10 -34.00 19.03
N GLN F 8 -7.43 -35.10 19.71
CA GLN F 8 -6.48 -35.91 20.45
C GLN F 8 -6.81 -37.37 20.22
N PRO F 9 -5.81 -38.24 20.09
CA PRO F 9 -6.09 -39.66 19.80
C PRO F 9 -6.88 -40.33 20.92
N SER F 10 -7.47 -41.48 20.58
CA SER F 10 -8.28 -42.25 21.52
C SER F 10 -8.00 -43.74 21.43
N SER F 11 -6.91 -44.09 20.74
CA SER F 11 -6.51 -45.52 20.58
C SER F 11 -4.99 -45.61 20.44
N VAL F 12 -4.31 -45.98 21.52
CA VAL F 12 -2.82 -46.10 21.51
C VAL F 12 -2.43 -47.46 22.10
N SER F 13 -1.28 -47.99 21.68
CA SER F 13 -0.79 -49.30 22.17
C SER F 13 0.70 -49.18 22.54
N GLY F 14 1.30 -50.28 22.99
CA GLY F 14 2.70 -50.28 23.37
C GLY F 14 3.00 -51.42 24.32
N SER F 15 4.29 -51.72 24.43
CA SER F 15 4.78 -52.76 25.32
C SER F 15 5.64 -52.12 26.42
N LEU F 16 6.09 -52.95 27.36
CA LEU F 16 6.87 -52.46 28.47
C LEU F 16 8.31 -52.19 28.03
N GLY F 17 8.84 -51.03 28.43
CA GLY F 17 10.21 -50.66 28.16
C GLY F 17 10.51 -50.08 26.80
N GLN F 18 9.49 -49.69 26.04
CA GLN F 18 9.70 -49.17 24.69
C GLN F 18 8.80 -47.93 24.64
N ARG F 19 9.25 -46.92 23.91
CA ARG F 19 8.53 -45.66 23.77
C ARG F 19 7.41 -45.52 22.73
N VAL F 20 6.27 -45.01 23.17
CA VAL F 20 5.18 -44.63 22.29
C VAL F 20 4.93 -43.14 22.46
N SER F 21 4.39 -42.50 21.43
CA SER F 21 4.25 -41.05 21.41
C SER F 21 2.79 -40.65 21.26
N ILE F 22 2.43 -39.52 21.88
CA ILE F 22 1.11 -38.93 21.77
C ILE F 22 1.22 -37.61 21.02
N THR F 23 0.26 -37.33 20.16
CA THR F 23 0.24 -36.11 19.35
C THR F 23 -1.02 -35.31 19.64
N CYS F 24 -0.85 -33.99 19.75
CA CYS F 24 -1.94 -33.07 20.09
C CYS F 24 -2.01 -32.00 19.00
N SER F 25 -2.85 -32.23 17.99
CA SER F 25 -3.00 -31.31 16.89
C SER F 25 -3.94 -30.17 17.25
N GLY F 26 -3.50 -28.94 17.04
CA GLY F 26 -4.28 -27.76 17.37
C GLY F 26 -4.20 -26.75 16.26
N SER F 27 -4.79 -25.58 16.51
CA SER F 27 -4.86 -24.52 15.51
C SER F 27 -4.27 -23.25 16.10
N SER F 28 -4.13 -22.22 15.25
CA SER F 28 -3.54 -20.96 15.71
C SER F 28 -4.37 -20.34 16.82
N SER F 29 -5.69 -20.60 16.83
CA SER F 29 -6.55 -20.01 17.84
C SER F 29 -6.24 -20.51 19.25
N ASN F 30 -5.69 -21.71 19.38
CA ASN F 30 -5.51 -22.28 20.71
C ASN F 30 -4.16 -22.80 21.20
N VAL F 31 -3.19 -23.03 20.30
CA VAL F 31 -2.05 -23.87 20.65
C VAL F 31 -0.99 -22.83 21.02
N GLY F 32 -1.04 -21.65 20.40
CA GLY F 32 0.12 -20.78 20.42
C GLY F 32 0.36 -20.05 21.73
N ASN F 33 -0.71 -19.51 22.32
CA ASN F 33 -0.59 -18.46 23.34
C ASN F 33 -0.51 -18.99 24.76
N GLY F 34 -0.03 -20.23 24.96
CA GLY F 34 0.01 -20.75 26.31
C GLY F 34 0.60 -22.14 26.36
N TYR F 35 0.72 -22.65 27.57
CA TYR F 35 1.45 -23.89 27.86
C TYR F 35 0.73 -25.13 27.36
N VAL F 36 1.38 -26.28 27.53
CA VAL F 36 0.81 -27.58 27.16
C VAL F 36 1.17 -28.57 28.26
N SER F 37 0.18 -28.97 29.05
CA SER F 37 0.42 -29.80 30.23
C SER F 37 -0.09 -31.20 29.97
N TRP F 38 0.34 -32.13 30.82
CA TRP F 38 -0.08 -33.52 30.76
C TRP F 38 -0.25 -34.03 32.18
N TYR F 39 -1.29 -34.86 32.38
CA TYR F 39 -1.65 -35.32 33.71
C TYR F 39 -1.88 -36.83 33.66
N GLN F 40 -1.79 -37.45 34.84
CA GLN F 40 -2.03 -38.88 34.99
C GLN F 40 -3.50 -39.08 35.36
N LEU F 41 -4.34 -39.26 34.34
CA LEU F 41 -5.77 -39.45 34.53
C LEU F 41 -6.07 -40.94 34.46
N ILE F 42 -5.88 -41.64 35.57
CA ILE F 42 -6.27 -43.04 35.65
C ILE F 42 -7.79 -43.12 35.65
N PRO F 43 -8.40 -43.82 34.68
CA PRO F 43 -9.87 -43.82 34.58
C PRO F 43 -10.57 -44.22 35.88
N GLY F 44 -11.34 -43.29 36.44
CA GLY F 44 -12.00 -43.49 37.70
C GLY F 44 -11.16 -43.10 38.91
N SER F 45 -10.13 -42.27 38.73
CA SER F 45 -9.30 -41.80 39.82
C SER F 45 -9.04 -40.34 39.45
N ALA F 46 -8.38 -39.63 40.34
CA ALA F 46 -8.14 -38.21 40.15
C ALA F 46 -6.84 -37.98 39.39
N PRO F 47 -6.75 -36.88 38.64
CA PRO F 47 -5.50 -36.55 37.95
C PRO F 47 -4.59 -35.68 38.81
N ARG F 48 -3.29 -35.76 38.52
CA ARG F 48 -2.28 -35.00 39.24
C ARG F 48 -1.28 -34.47 38.23
N THR F 49 -0.52 -33.46 38.65
CA THR F 49 0.42 -32.82 37.74
C THR F 49 1.61 -33.73 37.44
N LEU F 50 1.93 -33.85 36.15
CA LEU F 50 3.15 -34.50 35.71
C LEU F 50 4.04 -33.72 34.75
N ILE F 51 3.49 -32.79 33.99
CA ILE F 51 4.25 -31.93 33.10
C ILE F 51 3.35 -30.71 32.91
N TYR F 52 3.90 -29.52 33.15
CA TYR F 52 3.20 -28.29 32.85
C TYR F 52 4.20 -27.16 32.67
N GLY F 53 4.03 -26.41 31.59
CA GLY F 53 4.94 -25.34 31.22
C GLY F 53 5.84 -25.64 30.05
N ASP F 54 5.93 -26.91 29.63
CA ASP F 54 6.68 -27.37 28.46
C ASP F 54 8.19 -27.30 28.66
N THR F 55 8.63 -26.72 29.78
CA THR F 55 10.06 -26.62 30.07
C THR F 55 10.31 -26.95 31.54
N ASN F 56 9.41 -26.79 32.44
CA ASN F 56 9.66 -26.81 33.87
C ASN F 56 8.64 -27.73 34.51
N ARG F 57 8.97 -28.20 35.71
CA ARG F 57 8.08 -29.07 36.47
C ARG F 57 8.18 -28.67 37.95
N ALA F 58 7.20 -29.14 38.73
CA ALA F 58 7.20 -29.00 40.15
C ALA F 58 8.07 -29.96 40.97
N SER F 59 7.97 -29.87 42.29
CA SER F 59 8.71 -30.79 43.15
C SER F 59 7.89 -32.05 43.42
N GLY F 60 8.59 -33.18 43.49
CA GLY F 60 7.92 -34.44 43.75
C GLY F 60 7.21 -35.06 42.57
N VAL F 61 7.74 -34.89 41.36
CA VAL F 61 7.14 -35.44 40.15
C VAL F 61 8.22 -36.13 39.33
N PRO F 62 7.94 -37.27 38.71
CA PRO F 62 8.95 -37.95 37.89
C PRO F 62 8.97 -37.45 36.45
N ASP F 63 10.18 -37.49 35.89
CA ASP F 63 10.46 -37.00 34.53
C ASP F 63 10.49 -38.15 33.51
N ARG F 64 9.92 -39.31 33.85
CA ARG F 64 9.99 -40.47 32.97
C ARG F 64 9.35 -40.22 31.62
N PHE F 65 8.34 -39.36 31.55
CA PHE F 65 7.61 -39.10 30.32
C PHE F 65 7.80 -37.64 29.92
N SER F 66 8.55 -37.43 28.84
CA SER F 66 8.98 -36.09 28.43
C SER F 66 7.98 -35.48 27.47
N GLY F 67 7.59 -34.23 27.74
CA GLY F 67 6.71 -33.47 26.88
C GLY F 67 7.48 -32.38 26.17
N SER F 68 6.93 -31.90 25.05
CA SER F 68 7.60 -30.89 24.25
C SER F 68 6.56 -30.06 23.50
N ARG F 69 7.05 -29.01 22.85
CA ARG F 69 6.24 -28.15 22.01
C ARG F 69 7.10 -27.60 20.89
N ALA F 70 6.53 -27.56 19.68
CA ALA F 70 7.22 -27.03 18.51
C ALA F 70 6.19 -26.77 17.43
N GLY F 71 6.30 -25.62 16.76
CA GLY F 71 5.35 -25.29 15.72
C GLY F 71 3.99 -24.96 16.29
N ASN F 72 2.96 -25.64 15.76
CA ASN F 72 1.59 -25.47 16.22
C ASN F 72 0.99 -26.75 16.78
N THR F 73 1.81 -27.79 16.98
CA THR F 73 1.34 -29.07 17.45
C THR F 73 2.22 -29.55 18.60
N ALA F 74 1.57 -30.04 19.65
CA ALA F 74 2.25 -30.49 20.86
C ALA F 74 2.50 -31.98 20.79
N THR F 75 3.60 -32.42 21.39
CA THR F 75 4.01 -33.82 21.34
C THR F 75 4.73 -34.18 22.63
N LEU F 76 4.38 -35.36 23.15
CA LEU F 76 5.04 -35.93 24.32
C LEU F 76 5.58 -37.31 23.95
N SER F 77 6.54 -37.79 24.74
CA SER F 77 7.08 -39.12 24.56
C SER F 77 6.90 -39.90 25.86
N ILE F 78 6.61 -41.18 25.74
CA ILE F 78 6.38 -42.06 26.88
C ILE F 78 7.55 -43.01 26.94
N SER F 79 8.56 -42.65 27.73
CA SER F 79 9.77 -43.46 27.85
C SER F 79 9.53 -44.49 28.94
N SER F 80 10.20 -45.63 28.83
CA SER F 80 10.08 -46.74 29.79
C SER F 80 8.66 -47.07 30.27
N LEU F 81 7.82 -47.38 29.28
CA LEU F 81 6.43 -47.72 29.54
C LEU F 81 6.24 -48.70 30.70
N GLN F 82 5.30 -48.37 31.59
CA GLN F 82 5.02 -49.18 32.77
C GLN F 82 3.51 -49.38 32.89
N ALA F 83 3.10 -50.03 33.98
CA ALA F 83 1.69 -50.29 34.21
C ALA F 83 0.98 -49.08 34.83
N GLU F 84 1.71 -48.22 35.52
CA GLU F 84 1.12 -46.97 36.00
C GLU F 84 0.87 -45.98 34.86
N ASP F 85 1.33 -46.34 33.67
CA ASP F 85 1.13 -45.51 32.45
C ASP F 85 -0.21 -45.89 31.81
N GLU F 86 -0.97 -46.79 32.47
CA GLU F 86 -2.29 -47.24 31.99
C GLU F 86 -3.36 -46.23 32.44
N ALA F 87 -3.35 -45.04 31.83
CA ALA F 87 -4.31 -43.97 32.18
C ALA F 87 -4.41 -42.98 31.02
N GLU F 88 -5.37 -42.04 31.12
CA GLU F 88 -5.55 -41.02 30.09
C GLU F 88 -4.54 -39.90 30.28
N TYR F 89 -4.08 -39.36 29.16
CA TYR F 89 -3.17 -38.21 29.16
C TYR F 89 -3.84 -37.07 28.40
N PHE F 90 -4.39 -36.12 29.15
CA PHE F 90 -5.12 -34.99 28.58
C PHE F 90 -4.15 -33.88 28.19
N CYS F 91 -4.65 -32.96 27.36
CA CYS F 91 -3.88 -31.80 26.93
C CYS F 91 -4.82 -30.62 26.75
N ALA F 92 -4.25 -29.44 26.58
CA ALA F 92 -5.04 -28.23 26.42
C ALA F 92 -4.22 -27.16 25.73
N SER F 93 -4.88 -26.03 25.48
CA SER F 93 -4.29 -24.88 24.81
C SER F 93 -5.23 -23.74 25.18
N PRO F 94 -4.88 -22.50 24.85
CA PRO F 94 -5.73 -21.37 25.24
C PRO F 94 -6.41 -21.21 23.89
N GLU F 95 -7.73 -21.35 23.88
CA GLU F 95 -8.50 -21.16 22.65
C GLU F 95 -8.96 -19.71 22.75
N ASP F 96 -8.21 -18.81 22.12
CA ASP F 96 -8.51 -17.38 22.19
C ASP F 96 -9.74 -16.98 21.39
N SER F 97 -10.35 -17.91 20.66
CA SER F 97 -11.59 -17.59 19.95
C SER F 97 -12.71 -17.26 20.92
N SER F 98 -12.69 -17.86 22.11
CA SER F 98 -13.61 -17.50 23.19
C SER F 98 -12.86 -17.17 24.47
N SER F 99 -11.57 -16.82 24.36
CA SER F 99 -10.74 -16.42 25.50
C SER F 99 -10.68 -17.52 26.56
N ASN F 100 -10.82 -18.76 26.15
CA ASN F 100 -10.78 -19.90 27.05
C ASN F 100 -9.82 -20.97 26.55
N ALA F 101 -9.39 -21.84 27.46
CA ALA F 101 -8.44 -22.92 27.17
C ALA F 101 -9.07 -24.25 26.79
N ASN F 102 -9.11 -24.53 25.48
CA ASN F 102 -9.73 -25.76 25.00
C ASN F 102 -8.92 -26.97 25.44
N PHE F 103 -9.60 -27.94 26.04
CA PHE F 103 -8.97 -29.16 26.53
C PHE F 103 -9.25 -30.34 25.60
N GLY F 104 -8.55 -31.42 25.84
CA GLY F 104 -8.60 -32.58 24.97
C GLY F 104 -8.95 -33.87 25.68
N SER F 105 -9.78 -34.68 25.02
CA SER F 105 -10.07 -36.03 25.48
C SER F 105 -8.82 -36.88 25.39
N GLY F 106 -8.53 -37.61 26.46
CA GLY F 106 -7.33 -38.41 26.52
C GLY F 106 -7.43 -39.80 25.92
N THR F 107 -6.28 -40.28 25.47
CA THR F 107 -6.17 -41.60 24.84
C THR F 107 -6.05 -42.82 25.72
N THR F 108 -6.68 -43.91 25.31
CA THR F 108 -6.61 -45.15 26.08
C THR F 108 -5.21 -45.74 25.97
N LEU F 109 -4.38 -45.46 26.96
CA LEU F 109 -2.97 -45.86 26.95
C LEU F 109 -2.89 -47.29 27.52
N THR F 110 -2.94 -48.27 26.62
CA THR F 110 -2.89 -49.67 27.02
C THR F 110 -1.45 -50.12 27.20
N VAL F 111 -1.28 -51.26 27.88
CA VAL F 111 0.03 -51.83 28.15
C VAL F 111 0.02 -53.29 27.72
N LEU F 112 1.04 -53.67 26.95
CA LEU F 112 1.19 -55.06 26.51
C LEU F 112 2.50 -55.64 27.02
#